data_8EWG
#
_entry.id   8EWG
#
_cell.length_a   1.00
_cell.length_b   1.00
_cell.length_c   1.00
_cell.angle_alpha   90.00
_cell.angle_beta   90.00
_cell.angle_gamma   90.00
#
_symmetry.space_group_name_H-M   'P 1'
#
loop_
_entity.id
_entity.type
_entity.pdbx_description
1 polymer 'CRISPR-associated endonuclease Cas9'
2 polymer 'RNA (56-MER)'
#
loop_
_entity_poly.entity_id
_entity_poly.type
_entity_poly.pdbx_seq_one_letter_code
_entity_poly.pdbx_strand_id
1 'polypeptide(L)'
;MKITKRKWGEHHPPLYFYRDEDSGRLLAQNDRKQDYTDTLFNDIAQDTFERSLRNRLLKTPEKGDKRFYSNEIVKLVEKL
CQGADVAEIMKSMERNEKLRPKNEKEIKNLKKQLDGTLSEYGKRYTAPEGAMTLNDALFYLVEGNPLKQAMAKAELGKIR
EALIKEKENRINRVRYSIKNNKIPLRIQEDGGITPNNDRAAWLLGLMKPADPAKGITDCYPLLGELEEVFDFDKLSKTLH
EKISRCQGRPRSIAMAVDEALKQYLRELWEKSPSRQQDLKYYFQAVQEYFKDNFPIRTKRMGARLRQELLKDKTSLSRLL
EPKHMANAVRRRLINQSTQMHILYGKLYAYCCGEDGRLLVNSETLQRIQVHEAVKKQAMTAVLWSISRLRYFYQFEDGDI
LSNKNPIKDFRDKFLRDTNKYTHEDVEACKEKLQDFFPLKELQEKIKEDAKGLQETDNKQADTTDFKAIGHIVRDDRKLC
NQLLAECVSCIGELRHHIFHYKNVTLIQALKRIADKVKPEDLSVLRAIYLLDRRNLKKAFAKRISSMNLPLYYREDLLSR
IFKKEGTAFFLYSAKIQMTPSFQRVYERGKNLRREFECERMKAEASNGQNGQDGDRLKWFRQLAAGDSADTHFNWAVEAY
AESAADVENNVEFDTDVDAQRALRNLLLLIYRHHFLPEVQKDETLVTGKIHKVLERNRQLSEGQGPNQGKAHGYSVIEEL
YHEGMPLSDLMKQLQRRISETERESRELAQEKTDYAQRFILDIFAEAFNDFLEAHYGEEYLEIMSPRKDAEAAKKWVKES
KTVDLKTSIDEKEPEGHLLVLYPVLRLLDERELGELQQQMIRYRTSLASWQGESNFSEEIRIAGQIEELTELVKLTEPEP
QFAEEVWGKRAKEAFEDFIEGNMKNYEAFYLQSDNNTPVYRRNMSRLLRSGLMGVYQKVLASHKQALKRDYLLWSEKHWN
VKDENGADISSAEQAQCLLQRLHRKYAESPSRFTEEDCKLYEKVLRRLEDYNQAVKNLSFSSLYEICVLNLEILSRWVGF
VQDWERDMYFLLLAWVRQGKLDGIKEEDVRDIFSEGNIIRNLVDTLKGENMNAFESVYFPENKGSKYLGVRNDVAHLDLM
RKNGWRLEAGKTCSVMEDYINRLRFLLSYDQKRMNAVTKTLQQIFDRHKVKIRFTVEKGGMLKIEDVTADKIVHLKGSRL
SGIEIPSHGERFIDTLKALMVYPRG
;
A
2 'polyribonucleotide' UAGGGUCACAACUCCCAUGUAGGCGGAGACUGCAACCCGAAGGUGUGACUUCCAUGCCAA B
#
loop_
_chem_comp.id
_chem_comp.type
_chem_comp.name
_chem_comp.formula
A RNA linking ADENOSINE-5'-MONOPHOSPHATE 'C10 H14 N5 O7 P'
C RNA linking CYTIDINE-5'-MONOPHOSPHATE 'C9 H14 N3 O8 P'
G RNA linking GUANOSINE-5'-MONOPHOSPHATE 'C10 H14 N5 O8 P'
U RNA linking URIDINE-5'-MONOPHOSPHATE 'C9 H13 N2 O9 P'
#
# COMPACT_ATOMS: atom_id res chain seq x y z
N PHE A 17 -23.36 -14.71 -9.47
CA PHE A 17 -24.07 -15.04 -8.24
C PHE A 17 -24.79 -13.82 -7.68
N TYR A 18 -26.11 -13.92 -7.58
CA TYR A 18 -26.94 -12.85 -7.04
C TYR A 18 -27.83 -13.41 -5.95
N ARG A 19 -27.85 -12.74 -4.80
CA ARG A 19 -28.71 -13.13 -3.70
C ARG A 19 -29.43 -11.91 -3.13
N ASP A 20 -30.63 -12.14 -2.61
CA ASP A 20 -31.44 -11.10 -1.98
C ASP A 20 -32.14 -11.67 -0.77
N GLU A 21 -33.16 -10.95 -0.27
CA GLU A 21 -33.94 -11.44 0.86
C GLU A 21 -34.80 -12.64 0.52
N ASP A 22 -35.03 -12.92 -0.77
CA ASP A 22 -35.88 -14.05 -1.17
C ASP A 22 -35.07 -15.34 -1.30
N SER A 23 -34.07 -15.34 -2.16
CA SER A 23 -33.28 -16.55 -2.45
C SER A 23 -31.96 -16.12 -3.08
N GLY A 24 -31.24 -17.09 -3.62
CA GLY A 24 -30.02 -16.82 -4.34
C GLY A 24 -30.06 -17.48 -5.72
N ARG A 25 -29.32 -16.90 -6.66
CA ARG A 25 -29.40 -17.34 -8.04
C ARG A 25 -28.11 -16.98 -8.76
N LEU A 26 -27.93 -17.58 -9.93
CA LEU A 26 -26.76 -17.34 -10.76
C LEU A 26 -26.98 -16.12 -11.66
N VAL A 174 -25.79 -28.65 -3.85
CA VAL A 174 -25.20 -27.59 -4.66
C VAL A 174 -26.26 -26.55 -5.03
N ARG A 175 -27.27 -27.01 -5.76
CA ARG A 175 -28.33 -26.12 -6.23
C ARG A 175 -29.14 -25.55 -5.06
N TYR A 176 -29.44 -26.39 -4.06
CA TYR A 176 -30.18 -25.89 -2.91
C TYR A 176 -29.31 -25.01 -2.03
N SER A 177 -27.99 -25.24 -2.04
CA SER A 177 -27.08 -24.35 -1.34
C SER A 177 -27.01 -23.00 -2.02
N ILE A 178 -27.12 -22.98 -3.35
CA ILE A 178 -27.18 -21.71 -4.08
C ILE A 178 -28.49 -20.98 -3.79
N LYS A 179 -29.61 -21.72 -3.84
CA LYS A 179 -30.92 -21.09 -3.68
C LYS A 179 -31.13 -20.56 -2.26
N ASN A 180 -30.69 -21.31 -1.26
CA ASN A 180 -30.90 -20.91 0.13
C ASN A 180 -29.84 -19.95 0.63
N ASN A 181 -28.86 -19.60 -0.19
CA ASN A 181 -27.85 -18.61 0.18
C ASN A 181 -28.50 -17.24 0.09
N LYS A 182 -29.11 -16.81 1.18
CA LYS A 182 -29.73 -15.50 1.25
C LYS A 182 -29.19 -14.74 2.45
N ILE A 183 -29.67 -13.51 2.61
CA ILE A 183 -29.20 -12.64 3.68
C ILE A 183 -29.75 -13.16 5.01
N PRO A 184 -29.01 -13.09 6.12
CA PRO A 184 -29.59 -13.40 7.43
C PRO A 184 -30.42 -12.29 8.04
N LEU A 185 -30.45 -11.09 7.44
CA LEU A 185 -31.17 -9.96 8.01
C LEU A 185 -32.09 -9.34 6.98
N ARG A 186 -33.10 -8.61 7.45
CA ARG A 186 -34.06 -8.01 6.53
C ARG A 186 -34.64 -6.74 7.16
N ILE A 187 -35.18 -5.86 6.31
CA ILE A 187 -35.84 -4.64 6.76
C ILE A 187 -37.35 -4.85 6.70
N GLN A 188 -38.04 -4.44 7.76
CA GLN A 188 -39.49 -4.56 7.83
C GLN A 188 -40.21 -3.28 7.43
N GLU A 189 -39.53 -2.41 6.67
CA GLU A 189 -40.08 -1.18 6.08
C GLU A 189 -40.51 -0.17 7.15
N ASP A 190 -40.04 -0.31 8.39
CA ASP A 190 -40.38 0.65 9.43
C ASP A 190 -39.14 1.12 10.19
N GLY A 191 -37.95 0.96 9.62
CA GLY A 191 -36.72 1.31 10.28
C GLY A 191 -36.12 0.21 11.13
N GLY A 192 -36.81 -0.92 11.27
CA GLY A 192 -36.30 -2.01 12.07
C GLY A 192 -35.74 -3.14 11.22
N ILE A 193 -34.72 -3.81 11.78
CA ILE A 193 -34.08 -4.95 11.13
C ILE A 193 -34.46 -6.21 11.89
N THR A 194 -34.89 -7.23 11.16
CA THR A 194 -35.36 -8.48 11.74
C THR A 194 -34.62 -9.65 11.11
N PRO A 195 -34.36 -10.71 11.88
CA PRO A 195 -33.65 -11.87 11.34
C PRO A 195 -34.44 -12.59 10.25
N ASN A 196 -33.72 -13.09 9.25
CA ASN A 196 -34.31 -13.79 8.12
C ASN A 196 -34.33 -15.29 8.29
N ASN A 197 -33.76 -15.82 9.37
CA ASN A 197 -33.80 -17.25 9.64
C ASN A 197 -33.70 -17.45 11.15
N ASP A 198 -33.67 -18.72 11.57
CA ASP A 198 -33.60 -19.04 12.99
C ASP A 198 -32.21 -18.82 13.54
N ARG A 199 -31.18 -19.07 12.71
CA ARG A 199 -29.79 -18.98 13.19
C ARG A 199 -29.40 -17.55 13.51
N ALA A 200 -29.87 -16.59 12.72
CA ALA A 200 -29.56 -15.19 12.99
C ALA A 200 -30.23 -14.72 14.29
N ALA A 201 -31.47 -15.14 14.51
CA ALA A 201 -32.16 -14.78 15.75
C ALA A 201 -31.51 -15.42 16.96
N TRP A 202 -31.04 -16.67 16.81
CA TRP A 202 -30.33 -17.33 17.90
C TRP A 202 -29.00 -16.65 18.19
N LEU A 203 -28.29 -16.22 17.14
CA LEU A 203 -27.01 -15.55 17.34
C LEU A 203 -27.19 -14.18 17.97
N LEU A 204 -28.27 -13.48 17.63
CA LEU A 204 -28.47 -12.14 18.17
C LEU A 204 -28.91 -12.18 19.64
N GLY A 205 -29.59 -13.24 20.05
CA GLY A 205 -30.05 -13.35 21.42
C GLY A 205 -29.13 -14.03 22.39
N LEU A 206 -27.91 -14.38 21.98
CA LEU A 206 -27.01 -15.12 22.86
C LEU A 206 -26.47 -14.23 23.98
N MET A 207 -26.14 -13.00 23.66
CA MET A 207 -25.49 -12.09 24.60
C MET A 207 -26.50 -11.50 25.57
N LYS A 208 -26.36 -11.84 26.85
CA LYS A 208 -27.18 -11.27 27.92
C LYS A 208 -26.24 -10.67 28.96
N PRO A 209 -26.29 -9.35 29.17
CA PRO A 209 -25.37 -8.71 30.14
C PRO A 209 -25.60 -9.22 31.55
N ALA A 210 -24.50 -9.33 32.31
CA ALA A 210 -24.51 -9.91 33.64
C ALA A 210 -23.95 -8.92 34.66
N ASP A 211 -24.53 -8.93 35.86
CA ASP A 211 -24.11 -8.03 36.91
C ASP A 211 -22.97 -8.66 37.70
N PRO A 212 -21.77 -8.07 37.71
CA PRO A 212 -20.67 -8.66 38.49
C PRO A 212 -20.88 -8.56 40.00
N ALA A 213 -21.66 -7.57 40.45
CA ALA A 213 -21.93 -7.44 41.88
C ALA A 213 -22.91 -8.51 42.35
N LYS A 214 -23.84 -8.92 41.49
CA LYS A 214 -24.82 -9.92 41.87
C LYS A 214 -24.18 -11.30 42.01
N GLY A 215 -23.27 -11.64 41.11
CA GLY A 215 -22.59 -12.92 41.19
C GLY A 215 -22.40 -13.60 39.85
N ILE A 216 -23.17 -13.17 38.84
CA ILE A 216 -23.04 -13.75 37.52
C ILE A 216 -21.77 -13.24 36.86
N THR A 217 -21.03 -14.15 36.23
CA THR A 217 -19.74 -13.81 35.63
C THR A 217 -19.78 -13.72 34.12
N ASP A 218 -20.29 -14.73 33.43
CA ASP A 218 -20.26 -14.75 31.98
C ASP A 218 -21.51 -14.10 31.41
N CYS A 219 -21.39 -13.63 30.17
CA CYS A 219 -22.48 -12.98 29.45
C CYS A 219 -23.17 -13.91 28.46
N TYR A 220 -22.83 -15.20 28.46
CA TYR A 220 -23.44 -16.19 27.58
C TYR A 220 -23.83 -17.41 28.41
N PRO A 221 -24.96 -17.35 29.12
CA PRO A 221 -25.36 -18.50 29.95
C PRO A 221 -25.76 -19.73 29.15
N LEU A 222 -26.32 -19.54 27.96
CA LEU A 222 -26.75 -20.66 27.14
C LEU A 222 -25.57 -21.52 26.71
N LEU A 223 -24.43 -20.88 26.44
CA LEU A 223 -23.24 -21.64 26.08
C LEU A 223 -22.74 -22.48 27.25
N GLY A 224 -22.86 -21.96 28.47
CA GLY A 224 -22.52 -22.75 29.64
C GLY A 224 -23.45 -23.94 29.84
N GLU A 225 -24.75 -23.73 29.64
CA GLU A 225 -25.69 -24.84 29.77
C GLU A 225 -25.46 -25.89 28.68
N LEU A 226 -25.15 -25.46 27.46
CA LEU A 226 -24.90 -26.40 26.37
C LEU A 226 -23.59 -27.16 26.57
N GLU A 227 -22.59 -26.49 27.15
CA GLU A 227 -21.36 -27.19 27.49
C GLU A 227 -21.56 -28.14 28.67
N GLU A 228 -22.58 -27.88 29.49
CA GLU A 228 -22.94 -28.86 30.51
C GLU A 228 -23.63 -30.07 29.89
N VAL A 229 -24.52 -29.85 28.91
CA VAL A 229 -25.25 -30.96 28.30
C VAL A 229 -24.32 -31.80 27.44
N PHE A 230 -23.55 -31.16 26.56
CA PHE A 230 -22.52 -31.84 25.79
C PHE A 230 -21.41 -32.25 26.75
N ASP A 231 -21.18 -33.56 26.87
CA ASP A 231 -20.34 -34.08 27.96
C ASP A 231 -18.90 -33.64 27.82
N PHE A 232 -18.32 -33.79 26.62
CA PHE A 232 -16.96 -33.42 26.23
C PHE A 232 -15.88 -34.23 26.93
N ASP A 233 -16.22 -35.10 27.87
CA ASP A 233 -15.26 -35.92 28.58
C ASP A 233 -15.31 -37.38 28.16
N LYS A 234 -16.51 -37.94 28.02
CA LYS A 234 -16.62 -39.28 27.48
C LYS A 234 -16.36 -39.32 25.98
N LEU A 235 -16.53 -38.19 25.29
CA LEU A 235 -16.20 -38.13 23.87
C LEU A 235 -14.71 -38.28 23.64
N SER A 236 -13.90 -37.64 24.50
CA SER A 236 -12.44 -37.76 24.39
C SER A 236 -11.97 -39.19 24.64
N LYS A 237 -12.55 -39.85 25.66
CA LYS A 237 -12.20 -41.23 25.95
C LYS A 237 -12.64 -42.16 24.83
N THR A 238 -13.83 -41.89 24.26
CA THR A 238 -14.32 -42.68 23.13
C THR A 238 -13.41 -42.55 21.92
N LEU A 239 -12.96 -41.34 21.63
CA LEU A 239 -12.08 -41.14 20.48
C LEU A 239 -10.70 -41.75 20.72
N HIS A 240 -10.18 -41.67 21.95
CA HIS A 240 -8.90 -42.30 22.26
C HIS A 240 -8.99 -43.82 22.09
N GLU A 241 -10.07 -44.41 22.59
CA GLU A 241 -10.27 -45.86 22.44
C GLU A 241 -10.43 -46.25 20.97
N LYS A 242 -11.13 -45.42 20.19
CA LYS A 242 -11.34 -45.72 18.78
C LYS A 242 -10.03 -45.67 17.99
N ILE A 243 -9.22 -44.63 18.19
CA ILE A 243 -7.98 -44.51 17.41
C ILE A 243 -6.79 -45.21 18.04
N SER A 244 -6.97 -45.89 19.18
CA SER A 244 -5.90 -46.73 19.71
C SER A 244 -5.55 -47.89 18.78
N ARG A 245 -6.43 -48.28 17.87
CA ARG A 245 -6.19 -49.38 16.94
C ARG A 245 -5.89 -48.89 15.53
N CYS A 246 -5.13 -47.80 15.40
CA CYS A 246 -4.81 -47.24 14.09
C CYS A 246 -3.33 -47.05 13.81
N GLN A 247 -2.48 -47.02 14.84
CA GLN A 247 -1.03 -46.79 14.75
C GLN A 247 -0.80 -45.44 14.08
N GLY A 248 0.04 -45.33 13.06
CA GLY A 248 0.23 -44.09 12.35
C GLY A 248 -0.83 -43.89 11.28
N ARG A 249 -0.39 -43.56 10.06
CA ARG A 249 -1.25 -43.34 8.89
C ARG A 249 -2.33 -42.31 9.18
N PRO A 250 -2.00 -41.01 9.16
CA PRO A 250 -2.93 -39.97 9.63
C PRO A 250 -4.28 -39.94 8.91
N ARG A 251 -4.36 -40.41 7.67
CA ARG A 251 -5.64 -40.50 7.00
C ARG A 251 -6.56 -41.50 7.68
N SER A 252 -6.01 -42.64 8.12
CA SER A 252 -6.81 -43.63 8.83
C SER A 252 -7.31 -43.06 10.16
N ILE A 253 -6.46 -42.28 10.84
CA ILE A 253 -6.87 -41.58 12.06
C ILE A 253 -8.01 -40.61 11.76
N ALA A 254 -7.92 -39.92 10.62
CA ALA A 254 -8.94 -38.94 10.26
C ALA A 254 -10.29 -39.59 10.01
N MET A 255 -10.32 -40.68 9.24
CA MET A 255 -11.58 -41.42 9.05
C MET A 255 -12.11 -42.01 10.35
N ALA A 256 -11.24 -42.56 11.20
CA ALA A 256 -11.71 -43.12 12.46
C ALA A 256 -12.31 -42.06 13.36
N VAL A 257 -11.65 -40.89 13.46
CA VAL A 257 -12.15 -39.79 14.28
C VAL A 257 -13.47 -39.27 13.73
N ASP A 258 -13.58 -39.15 12.40
CA ASP A 258 -14.82 -38.65 11.80
C ASP A 258 -15.98 -39.60 12.06
N GLU A 259 -15.75 -40.91 11.91
CA GLU A 259 -16.81 -41.89 12.10
C GLU A 259 -17.25 -41.95 13.57
N ALA A 260 -16.28 -41.96 14.49
CA ALA A 260 -16.62 -42.00 15.91
C ALA A 260 -17.32 -40.72 16.35
N LEU A 261 -16.90 -39.58 15.81
CA LEU A 261 -17.53 -38.31 16.12
C LEU A 261 -18.98 -38.28 15.67
N LYS A 262 -19.25 -38.72 14.43
CA LYS A 262 -20.63 -38.67 13.96
C LYS A 262 -21.50 -39.68 14.69
N GLN A 263 -20.93 -40.81 15.13
CA GLN A 263 -21.67 -41.75 15.97
C GLN A 263 -22.03 -41.12 17.31
N TYR A 264 -21.06 -40.47 17.96
CA TYR A 264 -21.33 -39.84 19.24
C TYR A 264 -22.35 -38.70 19.11
N LEU A 265 -22.23 -37.93 18.03
CA LEU A 265 -23.16 -36.82 17.81
C LEU A 265 -24.58 -37.32 17.59
N ARG A 266 -24.75 -38.41 16.82
CA ARG A 266 -26.10 -38.91 16.60
C ARG A 266 -26.67 -39.53 17.89
N GLU A 267 -25.82 -40.14 18.72
CA GLU A 267 -26.31 -40.66 19.99
C GLU A 267 -26.72 -39.53 20.94
N LEU A 268 -25.93 -38.46 20.99
CA LEU A 268 -26.27 -37.31 21.84
C LEU A 268 -27.52 -36.61 21.36
N TRP A 269 -27.69 -36.50 20.04
CA TRP A 269 -28.92 -35.92 19.50
C TRP A 269 -30.14 -36.78 19.81
N GLU A 270 -29.98 -38.10 19.77
CA GLU A 270 -31.09 -38.99 20.11
C GLU A 270 -31.41 -38.94 21.60
N LYS A 271 -30.40 -38.69 22.44
CA LYS A 271 -30.61 -38.74 23.89
C LYS A 271 -31.46 -37.59 24.39
N SER A 272 -31.21 -36.37 23.91
CA SER A 272 -31.86 -35.18 24.44
C SER A 272 -32.80 -34.57 23.40
N PRO A 273 -34.11 -34.80 23.49
CA PRO A 273 -35.04 -34.23 22.51
C PRO A 273 -35.61 -32.88 22.88
N SER A 274 -35.42 -32.42 24.12
CA SER A 274 -36.03 -31.17 24.55
C SER A 274 -35.27 -29.96 24.01
N ARG A 275 -33.94 -30.03 23.95
CA ARG A 275 -33.10 -28.89 23.59
C ARG A 275 -32.33 -29.12 22.29
N GLN A 276 -33.01 -29.65 21.27
CA GLN A 276 -32.34 -29.92 20.01
C GLN A 276 -32.09 -28.66 19.19
N GLN A 277 -32.86 -27.59 19.44
CA GLN A 277 -32.83 -26.42 18.57
C GLN A 277 -31.50 -25.70 18.63
N ASP A 278 -31.02 -25.40 19.84
CA ASP A 278 -29.68 -24.86 20.00
C ASP A 278 -28.59 -25.93 19.88
N LEU A 279 -28.96 -27.20 20.08
CA LEU A 279 -28.01 -28.28 19.89
C LEU A 279 -27.58 -28.39 18.43
N LYS A 280 -28.42 -27.97 17.49
CA LYS A 280 -28.04 -27.96 16.08
C LYS A 280 -26.86 -27.02 15.83
N TYR A 281 -26.93 -25.80 16.36
CA TYR A 281 -25.85 -24.84 16.17
C TYR A 281 -24.60 -25.26 16.95
N TYR A 282 -24.79 -25.84 18.13
CA TYR A 282 -23.64 -26.35 18.87
C TYR A 282 -22.95 -27.48 18.12
N PHE A 283 -23.73 -28.39 17.51
CA PHE A 283 -23.15 -29.47 16.73
C PHE A 283 -22.44 -28.94 15.50
N GLN A 284 -22.98 -27.89 14.89
CA GLN A 284 -22.31 -27.29 13.73
C GLN A 284 -20.96 -26.72 14.11
N ALA A 285 -20.88 -26.04 15.26
CA ALA A 285 -19.59 -25.53 15.72
C ALA A 285 -18.60 -26.66 16.04
N VAL A 286 -19.08 -27.74 16.66
CA VAL A 286 -18.21 -28.86 17.01
C VAL A 286 -17.68 -29.54 15.74
N GLN A 287 -18.56 -29.74 14.75
CA GLN A 287 -18.15 -30.35 13.50
C GLN A 287 -17.17 -29.45 12.73
N GLU A 288 -17.36 -28.13 12.82
CA GLU A 288 -16.40 -27.22 12.21
C GLU A 288 -15.03 -27.33 12.85
N TYR A 289 -14.99 -27.46 14.19
CA TYR A 289 -13.71 -27.64 14.89
C TYR A 289 -13.02 -28.93 14.45
N PHE A 290 -13.77 -30.03 14.38
CA PHE A 290 -13.16 -31.32 14.04
C PHE A 290 -12.75 -31.38 12.58
N LYS A 291 -13.51 -30.72 11.70
CA LYS A 291 -13.11 -30.66 10.30
C LYS A 291 -11.86 -29.81 10.11
N ASP A 292 -11.73 -28.74 10.90
CA ASP A 292 -10.54 -27.90 10.80
C ASP A 292 -9.30 -28.62 11.31
N ASN A 293 -9.43 -29.42 12.38
CA ASN A 293 -8.24 -29.99 13.02
C ASN A 293 -7.94 -31.43 12.62
N PHE A 294 -8.88 -32.15 12.02
CA PHE A 294 -8.66 -33.53 11.58
C PHE A 294 -9.07 -33.66 10.12
N PRO A 295 -8.26 -33.14 9.19
CA PRO A 295 -8.66 -33.15 7.78
C PRO A 295 -8.43 -34.51 7.12
N ILE A 296 -9.29 -34.82 6.17
CA ILE A 296 -9.15 -36.02 5.35
C ILE A 296 -8.59 -35.67 3.98
N ARG A 297 -9.23 -34.73 3.30
CA ARG A 297 -8.74 -34.25 2.02
C ARG A 297 -7.49 -33.39 2.21
N THR A 298 -6.64 -33.39 1.20
CA THR A 298 -5.39 -32.63 1.26
C THR A 298 -5.17 -31.83 -0.02
N LYS A 299 -6.25 -31.40 -0.68
CA LYS A 299 -6.11 -30.59 -1.88
C LYS A 299 -5.51 -29.22 -1.57
N ARG A 300 -5.93 -28.62 -0.47
CA ARG A 300 -5.37 -27.35 -0.02
C ARG A 300 -4.11 -27.57 0.79
N MET A 301 -3.29 -26.52 0.87
CA MET A 301 -1.99 -26.63 1.55
C MET A 301 -2.15 -26.75 3.06
N GLY A 302 -3.07 -25.96 3.65
CA GLY A 302 -3.25 -25.99 5.09
C GLY A 302 -3.72 -27.33 5.60
N ALA A 303 -4.57 -28.01 4.82
CA ALA A 303 -4.97 -29.36 5.17
C ALA A 303 -3.79 -30.32 5.15
N ARG A 304 -2.85 -30.13 4.20
CA ARG A 304 -1.65 -30.96 4.16
C ARG A 304 -0.82 -30.80 5.45
N LEU A 305 -0.58 -29.56 5.89
CA LEU A 305 0.21 -29.44 7.12
C LEU A 305 -0.58 -29.88 8.36
N ARG A 306 -1.92 -29.76 8.37
CA ARG A 306 -2.66 -30.29 9.51
C ARG A 306 -2.58 -31.81 9.57
N GLN A 307 -2.66 -32.48 8.41
CA GLN A 307 -2.50 -33.93 8.38
C GLN A 307 -1.10 -34.34 8.79
N GLU A 308 -0.08 -33.56 8.40
CA GLU A 308 1.28 -33.87 8.82
C GLU A 308 1.43 -33.68 10.33
N LEU A 309 0.78 -32.67 10.89
CA LEU A 309 0.82 -32.45 12.33
C LEU A 309 0.07 -33.53 13.08
N LEU A 310 -0.86 -34.22 12.40
CA LEU A 310 -1.57 -35.33 13.03
C LEU A 310 -0.67 -36.55 13.28
N LYS A 311 0.54 -36.57 12.72
CA LYS A 311 1.44 -37.69 12.96
C LYS A 311 1.95 -37.72 14.40
N ASP A 312 2.24 -36.55 14.96
CA ASP A 312 2.79 -36.46 16.31
C ASP A 312 1.75 -36.86 17.35
N LYS A 313 2.22 -37.61 18.36
CA LYS A 313 1.35 -38.07 19.44
C LYS A 313 1.04 -37.00 20.46
N THR A 314 1.96 -36.06 20.68
CA THR A 314 1.73 -34.99 21.66
C THR A 314 0.64 -34.03 21.19
N SER A 315 0.69 -33.64 19.92
CA SER A 315 -0.37 -32.78 19.37
C SER A 315 -1.69 -33.53 19.31
N LEU A 316 -1.62 -34.84 19.06
CA LEU A 316 -2.83 -35.67 19.08
C LEU A 316 -3.45 -35.70 20.47
N SER A 317 -2.62 -35.76 21.51
CA SER A 317 -3.15 -35.73 22.87
C SER A 317 -3.67 -34.34 23.23
N ARG A 318 -3.02 -33.29 22.74
CA ARG A 318 -3.47 -31.93 23.04
C ARG A 318 -4.80 -31.62 22.37
N LEU A 319 -5.01 -32.13 21.15
CA LEU A 319 -6.23 -31.84 20.42
C LEU A 319 -7.46 -32.53 21.00
N LEU A 320 -7.28 -33.48 21.92
CA LEU A 320 -8.38 -34.25 22.47
C LEU A 320 -8.71 -33.88 23.91
N GLU A 321 -8.15 -32.79 24.42
CA GLU A 321 -8.44 -32.35 25.77
C GLU A 321 -9.87 -31.81 25.84
N PRO A 322 -10.65 -32.13 26.88
CA PRO A 322 -12.02 -31.60 26.97
C PRO A 322 -12.09 -30.08 27.10
N LYS A 323 -11.22 -29.48 27.91
CA LYS A 323 -11.24 -28.04 28.10
C LYS A 323 -10.88 -27.31 26.81
N HIS A 324 -9.92 -27.84 26.06
CA HIS A 324 -9.50 -27.24 24.80
C HIS A 324 -10.65 -27.23 23.80
N MET A 325 -11.36 -28.35 23.67
CA MET A 325 -12.46 -28.44 22.73
C MET A 325 -13.63 -27.54 23.14
N ALA A 326 -13.96 -27.51 24.43
CA ALA A 326 -15.04 -26.66 24.90
C ALA A 326 -14.73 -25.18 24.68
N ASN A 327 -13.49 -24.76 24.97
CA ASN A 327 -13.11 -23.38 24.76
C ASN A 327 -13.10 -23.01 23.28
N ALA A 328 -12.67 -23.93 22.42
CA ALA A 328 -12.66 -23.65 20.99
C ALA A 328 -14.07 -23.47 20.45
N VAL A 329 -15.01 -24.32 20.88
CA VAL A 329 -16.40 -24.19 20.43
C VAL A 329 -17.01 -22.88 20.92
N ARG A 330 -16.73 -22.52 22.19
CA ARG A 330 -17.24 -21.26 22.73
C ARG A 330 -16.68 -20.05 21.98
N ARG A 331 -15.37 -20.07 21.67
CA ARG A 331 -14.76 -18.97 20.93
C ARG A 331 -15.36 -18.81 19.54
N ARG A 332 -15.58 -19.94 18.85
CA ARG A 332 -16.16 -19.88 17.51
C ARG A 332 -17.57 -19.29 17.53
N LEU A 333 -18.39 -19.72 18.50
CA LEU A 333 -19.75 -19.22 18.58
C LEU A 333 -19.79 -17.74 18.94
N ILE A 334 -18.92 -17.31 19.86
CA ILE A 334 -18.89 -15.89 20.25
C ILE A 334 -18.41 -15.01 19.10
N ASN A 335 -17.43 -15.50 18.33
CA ASN A 335 -16.96 -14.75 17.17
C ASN A 335 -18.05 -14.58 16.12
N GLN A 336 -18.82 -15.64 15.85
CA GLN A 336 -19.91 -15.52 14.88
C GLN A 336 -21.01 -14.57 15.38
N SER A 337 -21.32 -14.62 16.68
CA SER A 337 -22.31 -13.70 17.24
C SER A 337 -21.87 -12.25 17.14
N THR A 338 -20.59 -11.98 17.44
CA THR A 338 -20.07 -10.61 17.34
C THR A 338 -20.12 -10.11 15.91
N GLN A 339 -19.76 -10.95 14.95
CA GLN A 339 -19.81 -10.55 13.54
C GLN A 339 -21.23 -10.25 13.09
N MET A 340 -22.20 -11.04 13.57
CA MET A 340 -23.59 -10.77 13.20
C MET A 340 -24.11 -9.47 13.81
N HIS A 341 -23.69 -9.16 15.04
CA HIS A 341 -24.04 -7.88 15.64
C HIS A 341 -23.44 -6.71 14.87
N ILE A 342 -22.19 -6.86 14.41
CA ILE A 342 -21.55 -5.81 13.63
C ILE A 342 -22.27 -5.62 12.29
N LEU A 343 -22.70 -6.72 11.66
CA LEU A 343 -23.47 -6.61 10.42
C LEU A 343 -24.81 -5.92 10.64
N TYR A 344 -25.46 -6.20 11.77
CA TYR A 344 -26.68 -5.48 12.14
C TYR A 344 -26.40 -3.98 12.28
N GLY A 345 -25.31 -3.63 12.95
CA GLY A 345 -25.02 -2.22 13.19
C GLY A 345 -24.53 -1.47 11.97
N LYS A 346 -24.00 -2.20 10.97
CA LYS A 346 -23.61 -1.56 9.71
C LYS A 346 -24.84 -1.01 9.00
N LEU A 347 -25.91 -1.79 8.99
CA LEU A 347 -27.22 -1.29 8.62
C LEU A 347 -27.71 -0.32 9.69
N TYR A 348 -28.70 0.51 9.31
CA TYR A 348 -29.33 1.56 10.13
C TYR A 348 -28.39 2.74 10.36
N ALA A 349 -27.11 2.59 10.03
CA ALA A 349 -26.17 3.70 9.95
C ALA A 349 -25.96 4.16 8.53
N TYR A 350 -26.43 3.39 7.55
CA TYR A 350 -26.37 3.78 6.15
C TYR A 350 -27.68 3.59 5.41
N CYS A 351 -28.65 2.86 5.95
CA CYS A 351 -29.84 2.48 5.19
C CYS A 351 -31.13 3.01 5.79
N CYS A 352 -31.32 2.91 7.10
CA CYS A 352 -32.61 3.26 7.69
C CYS A 352 -32.83 4.77 7.70
N VAL A 360 -30.68 -5.02 -1.53
CA VAL A 360 -30.64 -6.09 -2.52
C VAL A 360 -29.38 -6.90 -2.32
N ASN A 361 -28.56 -6.52 -1.33
CA ASN A 361 -27.33 -7.26 -1.01
C ASN A 361 -26.15 -7.07 -1.95
N SER A 362 -26.28 -7.54 -3.19
CA SER A 362 -25.14 -7.48 -4.12
C SER A 362 -24.58 -6.09 -4.40
N GLU A 363 -25.45 -5.11 -4.64
CA GLU A 363 -24.96 -3.78 -5.01
C GLU A 363 -24.89 -2.80 -3.85
N THR A 364 -25.42 -3.17 -2.69
CA THR A 364 -25.46 -2.25 -1.56
C THR A 364 -24.38 -2.57 -0.52
N LEU A 365 -24.13 -3.84 -0.23
CA LEU A 365 -23.09 -4.19 0.74
C LEU A 365 -21.71 -3.85 0.19
N GLN A 366 -21.49 -4.10 -1.09
CA GLN A 366 -20.23 -3.71 -1.72
C GLN A 366 -20.07 -2.21 -1.75
N ARG A 367 -21.17 -1.47 -1.93
CA ARG A 367 -21.10 -0.01 -1.92
C ARG A 367 -20.75 0.51 -0.53
N ILE A 368 -21.31 -0.09 0.51
CA ILE A 368 -20.96 0.29 1.89
C ILE A 368 -19.50 -0.01 2.17
N GLN A 369 -19.02 -1.15 1.66
CA GLN A 369 -17.61 -1.51 1.81
C GLN A 369 -16.70 -0.50 1.13
N VAL A 370 -17.07 -0.05 -0.08
CA VAL A 370 -16.28 0.92 -0.81
C VAL A 370 -16.25 2.27 -0.10
N HIS A 371 -17.41 2.72 0.38
CA HIS A 371 -17.48 4.00 1.10
C HIS A 371 -16.66 3.97 2.38
N GLU A 372 -16.75 2.88 3.13
CA GLU A 372 -15.97 2.76 4.36
C GLU A 372 -14.48 2.67 4.08
N ALA A 373 -14.10 2.00 2.99
CA ALA A 373 -12.69 1.97 2.61
C ALA A 373 -12.16 3.36 2.28
N VAL A 374 -12.95 4.14 1.54
CA VAL A 374 -12.55 5.49 1.18
C VAL A 374 -12.41 6.38 2.42
N LYS A 375 -13.39 6.29 3.33
CA LYS A 375 -13.33 7.08 4.57
C LYS A 375 -12.15 6.69 5.45
N LYS A 376 -11.86 5.39 5.54
CA LYS A 376 -10.74 4.93 6.36
C LYS A 376 -9.42 5.37 5.78
N GLN A 377 -9.26 5.33 4.45
CA GLN A 377 -8.04 5.83 3.82
C GLN A 377 -7.88 7.33 4.06
N ALA A 378 -8.98 8.08 3.94
CA ALA A 378 -8.92 9.52 4.23
C ALA A 378 -8.55 9.79 5.67
N MET A 379 -9.06 8.98 6.60
CA MET A 379 -8.76 9.19 8.01
C MET A 379 -7.31 8.82 8.34
N THR A 380 -6.76 7.81 7.67
CA THR A 380 -5.34 7.53 7.83
C THR A 380 -4.49 8.70 7.35
N ALA A 381 -4.87 9.30 6.21
CA ALA A 381 -4.17 10.49 5.74
C ALA A 381 -4.28 11.66 6.73
N VAL A 382 -5.47 11.82 7.32
CA VAL A 382 -5.68 12.88 8.30
C VAL A 382 -4.81 12.66 9.54
N LEU A 383 -4.70 11.41 10.00
CA LEU A 383 -3.87 11.10 11.17
C LEU A 383 -2.38 11.32 10.87
N TRP A 384 -1.94 11.01 9.66
CA TRP A 384 -0.57 11.29 9.27
C TRP A 384 -0.30 12.79 9.28
N SER A 385 -1.24 13.59 8.77
CA SER A 385 -1.05 15.03 8.82
C SER A 385 -1.13 15.58 10.24
N ILE A 386 -1.90 14.96 11.11
CA ILE A 386 -1.95 15.37 12.53
C ILE A 386 -0.60 15.14 13.18
N SER A 387 0.02 13.99 12.91
CA SER A 387 1.36 13.72 13.42
C SER A 387 2.37 14.71 12.88
N ARG A 388 2.25 15.08 11.60
CA ARG A 388 3.13 16.09 11.03
C ARG A 388 2.93 17.47 11.69
N LEU A 389 1.68 17.82 11.98
CA LEU A 389 1.41 19.09 12.64
C LEU A 389 1.95 19.12 14.05
N ARG A 390 1.85 18.00 14.77
CA ARG A 390 2.45 17.90 16.10
C ARG A 390 3.96 17.98 16.02
N TYR A 391 4.56 17.45 14.95
CA TYR A 391 5.98 17.62 14.70
C TYR A 391 6.34 19.09 14.48
N PHE A 392 5.49 19.82 13.75
CA PHE A 392 5.76 21.24 13.48
C PHE A 392 5.66 22.07 14.75
N TYR A 393 4.59 21.88 15.52
CA TYR A 393 4.32 22.70 16.68
C TYR A 393 5.20 22.36 17.88
N GLN A 394 5.92 21.24 17.82
CA GLN A 394 6.75 20.73 18.92
C GLN A 394 5.94 20.53 20.19
N PHE A 395 4.73 20.02 20.03
CA PHE A 395 3.83 19.81 21.16
C PHE A 395 4.03 18.42 21.76
N GLU A 396 4.11 18.36 23.09
CA GLU A 396 4.26 17.11 23.81
C GLU A 396 2.88 16.66 24.30
N ASP A 397 2.47 15.47 23.86
CA ASP A 397 1.15 14.85 24.05
C ASP A 397 0.01 15.85 23.89
N GLY A 398 -1.05 15.72 24.69
CA GLY A 398 -2.18 16.62 24.57
C GLY A 398 -2.94 16.41 23.28
N ASP A 399 -3.54 17.50 22.80
CA ASP A 399 -4.29 17.45 21.54
C ASP A 399 -4.19 18.82 20.89
N ILE A 400 -3.54 18.89 19.73
CA ILE A 400 -3.34 20.17 19.05
C ILE A 400 -4.65 20.69 18.49
N LEU A 401 -5.47 19.81 17.90
CA LEU A 401 -6.75 20.23 17.33
C LEU A 401 -7.80 20.30 18.44
N SER A 402 -7.68 21.35 19.25
CA SER A 402 -8.51 21.53 20.42
C SER A 402 -9.02 22.95 20.48
N ASN A 403 -10.17 23.13 21.13
CA ASN A 403 -10.84 24.42 21.22
C ASN A 403 -10.87 24.99 22.63
N LYS A 404 -10.37 24.25 23.62
CA LYS A 404 -10.36 24.75 24.98
C LYS A 404 -9.23 25.77 25.16
N ASN A 405 -9.29 26.50 26.28
CA ASN A 405 -8.55 27.75 26.44
C ASN A 405 -7.01 27.63 26.37
N PRO A 406 -6.32 26.74 27.12
CA PRO A 406 -4.85 26.89 27.17
C PRO A 406 -4.15 26.48 25.89
N ILE A 407 -4.58 25.38 25.26
CA ILE A 407 -3.93 24.95 24.02
C ILE A 407 -4.25 25.94 22.89
N LYS A 408 -5.47 26.46 22.85
CA LYS A 408 -5.82 27.46 21.84
C LYS A 408 -5.02 28.74 22.02
N ASP A 409 -4.81 29.16 23.28
CA ASP A 409 -4.00 30.35 23.53
C ASP A 409 -2.52 30.10 23.20
N PHE A 410 -2.04 28.86 23.40
CA PHE A 410 -0.69 28.53 22.98
C PHE A 410 -0.55 28.55 21.46
N ARG A 411 -1.57 28.06 20.75
CA ARG A 411 -1.53 28.04 19.29
C ARG A 411 -1.62 29.44 18.71
N ASP A 412 -2.45 30.30 19.29
CA ASP A 412 -2.60 31.66 18.77
C ASP A 412 -1.39 32.53 19.09
N LYS A 413 -0.56 32.13 20.04
CA LYS A 413 0.63 32.90 20.41
C LYS A 413 1.91 32.27 19.90
N PHE A 414 1.83 31.27 19.02
CA PHE A 414 3.02 30.58 18.56
C PHE A 414 3.85 31.47 17.64
N LEU A 415 5.16 31.52 17.94
CA LEU A 415 6.18 32.30 17.23
C LEU A 415 5.95 33.81 17.35
N ARG A 416 5.02 34.23 18.19
CA ARG A 416 4.85 35.64 18.48
C ARG A 416 5.87 36.08 19.52
N ASP A 417 6.18 37.38 19.51
CA ASP A 417 7.09 38.04 20.44
C ASP A 417 8.50 37.48 20.37
N THR A 418 9.37 37.90 21.29
CA THR A 418 10.73 37.39 21.36
C THR A 418 11.14 36.93 22.75
N ASN A 419 10.34 37.20 23.79
CA ASN A 419 10.66 36.72 25.12
C ASN A 419 10.44 35.22 25.27
N LYS A 420 9.53 34.65 24.48
CA LYS A 420 9.22 33.23 24.56
C LYS A 420 9.90 32.42 23.47
N TYR A 421 10.07 32.98 22.28
CA TYR A 421 10.65 32.27 21.15
C TYR A 421 11.85 33.03 20.60
N THR A 422 12.72 32.30 19.91
CA THR A 422 14.01 32.79 19.48
C THR A 422 14.06 32.68 17.95
N HIS A 423 15.05 33.30 17.32
CA HIS A 423 15.22 33.20 15.88
C HIS A 423 15.53 31.77 15.44
N GLU A 424 16.18 30.98 16.30
CA GLU A 424 16.40 29.58 15.99
C GLU A 424 15.09 28.81 15.92
N ASP A 425 14.12 29.16 16.77
CA ASP A 425 12.82 28.49 16.74
C ASP A 425 12.08 28.77 15.44
N VAL A 426 12.05 30.04 15.01
CA VAL A 426 11.33 30.37 13.79
C VAL A 426 12.06 29.81 12.58
N GLU A 427 13.40 29.76 12.64
CA GLU A 427 14.17 29.19 11.54
C GLU A 427 13.92 27.70 11.41
N ALA A 428 13.89 26.98 12.54
CA ALA A 428 13.62 25.55 12.52
C ALA A 428 12.21 25.26 12.04
N CYS A 429 11.23 26.05 12.50
CA CYS A 429 9.85 25.84 12.05
C CYS A 429 9.70 26.09 10.56
N LYS A 430 10.29 27.19 10.05
CA LYS A 430 10.15 27.47 8.63
C LYS A 430 10.96 26.50 7.79
N GLU A 431 12.03 25.92 8.34
CA GLU A 431 12.81 24.94 7.60
C GLU A 431 12.09 23.60 7.54
N LYS A 432 11.38 23.24 8.61
CA LYS A 432 10.50 22.06 8.56
C LYS A 432 9.35 22.29 7.60
N LEU A 433 8.82 23.52 7.55
CA LEU A 433 7.69 23.82 6.68
C LEU A 433 8.11 23.82 5.21
N GLN A 434 9.35 24.20 4.92
CA GLN A 434 9.83 24.25 3.55
C GLN A 434 9.88 22.89 2.88
N ASP A 435 10.05 21.81 3.67
CA ASP A 435 10.11 20.47 3.10
C ASP A 435 8.78 20.04 2.49
N PHE A 436 7.68 20.68 2.88
CA PHE A 436 6.37 20.33 2.33
C PHE A 436 5.73 21.48 1.57
N PHE A 437 6.20 22.72 1.77
CA PHE A 437 5.51 23.87 1.24
C PHE A 437 6.48 24.78 0.50
N PRO A 438 6.07 25.41 -0.60
CA PRO A 438 6.96 26.32 -1.34
C PRO A 438 6.93 27.74 -0.79
N LEU A 439 7.52 27.93 0.39
CA LEU A 439 7.46 29.23 1.05
C LEU A 439 8.44 30.23 0.43
N LYS A 440 9.64 29.77 0.09
CA LYS A 440 10.66 30.67 -0.46
C LYS A 440 10.26 31.19 -1.83
N GLU A 441 9.67 30.33 -2.66
CA GLU A 441 9.18 30.75 -3.97
C GLU A 441 8.04 31.75 -3.83
N LEU A 442 7.16 31.55 -2.84
CA LEU A 442 6.09 32.51 -2.58
C LEU A 442 6.64 33.86 -2.14
N GLN A 443 7.67 33.85 -1.30
CA GLN A 443 8.29 35.10 -0.86
C GLN A 443 8.93 35.83 -2.03
N GLU A 444 9.64 35.11 -2.91
CA GLU A 444 10.24 35.73 -4.09
C GLU A 444 9.18 36.26 -5.03
N LYS A 445 8.07 35.53 -5.19
CA LYS A 445 6.98 35.98 -6.06
C LYS A 445 6.35 37.26 -5.54
N ILE A 446 6.12 37.34 -4.22
CA ILE A 446 5.55 38.55 -3.63
C ILE A 446 6.54 39.71 -3.76
N LYS A 447 7.83 39.44 -3.58
CA LYS A 447 8.85 40.47 -3.72
C LYS A 447 8.91 41.02 -5.14
N GLU A 448 8.81 40.16 -6.14
CA GLU A 448 8.82 40.64 -7.52
C GLU A 448 7.50 41.30 -7.90
N ASP A 449 6.41 40.88 -7.27
CA ASP A 449 5.12 41.53 -7.54
C ASP A 449 5.08 42.93 -6.97
N ALA A 450 5.70 43.15 -5.81
CA ALA A 450 5.77 44.49 -5.24
C ALA A 450 6.67 45.39 -6.06
N LYS A 451 7.72 44.82 -6.65
CA LYS A 451 8.64 45.60 -7.47
C LYS A 451 8.00 46.04 -8.78
N GLY A 452 7.17 45.19 -9.37
CA GLY A 452 6.56 45.51 -10.65
C GLY A 452 5.42 46.50 -10.57
N LEU A 453 4.88 46.74 -9.38
CA LEU A 453 3.79 47.69 -9.22
C LEU A 453 4.24 49.14 -9.30
N GLN A 454 5.54 49.40 -9.19
CA GLN A 454 6.06 50.76 -9.20
C GLN A 454 6.50 51.22 -10.59
N GLU A 455 6.29 50.39 -11.62
CA GLU A 455 6.72 50.73 -12.97
C GLU A 455 5.59 50.82 -13.99
N THR A 456 4.44 50.21 -13.71
CA THR A 456 3.29 50.26 -14.60
C THR A 456 2.14 50.95 -13.87
N ASP A 457 1.54 51.93 -14.52
CA ASP A 457 0.48 52.74 -13.91
C ASP A 457 -0.90 52.42 -14.45
N ASN A 458 -1.01 51.63 -15.52
CA ASN A 458 -2.32 51.30 -16.09
C ASN A 458 -2.25 49.88 -16.65
N LYS A 459 -2.63 48.91 -15.82
CA LYS A 459 -2.71 47.51 -16.22
C LYS A 459 -3.55 46.73 -15.21
N GLN A 460 -4.59 46.04 -15.68
CA GLN A 460 -5.49 45.29 -14.81
C GLN A 460 -4.96 43.86 -14.67
N ALA A 461 -3.92 43.72 -13.85
CA ALA A 461 -3.32 42.43 -13.58
C ALA A 461 -4.02 41.73 -12.43
N ASP A 462 -3.94 40.41 -12.41
CA ASP A 462 -4.57 39.59 -11.37
C ASP A 462 -3.62 39.42 -10.17
N THR A 463 -3.29 40.55 -9.56
CA THR A 463 -2.40 40.59 -8.41
C THR A 463 -3.00 41.29 -7.20
N THR A 464 -4.32 41.52 -7.20
CA THR A 464 -4.96 42.18 -6.07
C THR A 464 -4.99 41.27 -4.85
N ASP A 465 -5.19 39.97 -5.07
CA ASP A 465 -5.21 39.02 -3.96
C ASP A 465 -3.81 38.84 -3.36
N PHE A 466 -2.78 38.85 -4.20
CA PHE A 466 -1.42 38.72 -3.72
C PHE A 466 -0.96 39.97 -2.97
N LYS A 467 -1.50 41.13 -3.32
CA LYS A 467 -1.06 42.38 -2.69
C LYS A 467 -1.59 42.52 -1.26
N ALA A 468 -2.72 41.88 -0.95
CA ALA A 468 -3.31 42.04 0.37
C ALA A 468 -2.50 41.33 1.44
N ILE A 469 -1.88 40.20 1.11
CA ILE A 469 -1.15 39.41 2.07
C ILE A 469 0.36 39.66 1.97
N GLY A 470 0.77 40.80 1.40
CA GLY A 470 2.18 41.09 1.30
C GLY A 470 2.85 41.34 2.64
N HIS A 471 2.12 41.94 3.58
CA HIS A 471 2.69 42.23 4.89
C HIS A 471 2.85 40.98 5.74
N ILE A 472 1.99 39.99 5.54
CA ILE A 472 2.09 38.74 6.30
C ILE A 472 3.29 37.92 5.82
N VAL A 473 3.42 37.74 4.52
CA VAL A 473 4.47 36.87 3.99
C VAL A 473 5.84 37.52 4.06
N ARG A 474 5.91 38.84 4.24
CA ARG A 474 7.22 39.48 4.42
C ARG A 474 7.78 39.23 5.81
N ASP A 475 6.96 38.82 6.76
CA ASP A 475 7.39 38.47 8.11
C ASP A 475 7.41 36.95 8.23
N ASP A 476 8.54 36.40 8.72
CA ASP A 476 8.66 34.96 8.86
C ASP A 476 7.73 34.42 9.94
N ARG A 477 7.69 35.10 11.09
CA ARG A 477 6.87 34.65 12.22
C ARG A 477 5.39 34.70 11.87
N LYS A 478 4.95 35.80 11.25
CA LYS A 478 3.54 35.95 10.91
C LYS A 478 3.12 34.93 9.86
N LEU A 479 3.95 34.70 8.85
CA LEU A 479 3.64 33.73 7.81
C LEU A 479 3.57 32.31 8.36
N CYS A 480 4.54 31.95 9.22
CA CYS A 480 4.54 30.61 9.81
C CYS A 480 3.34 30.41 10.71
N ASN A 481 3.04 31.39 11.56
CA ASN A 481 1.90 31.28 12.47
C ASN A 481 0.58 31.21 11.71
N GLN A 482 0.43 32.03 10.67
CA GLN A 482 -0.82 32.05 9.92
C GLN A 482 -1.00 30.75 9.13
N LEU A 483 0.07 30.26 8.48
CA LEU A 483 -0.02 29.01 7.73
C LEU A 483 -0.36 27.85 8.65
N LEU A 484 0.26 27.79 9.83
CA LEU A 484 -0.05 26.74 10.79
C LEU A 484 -1.48 26.87 11.28
N ALA A 485 -2.00 28.09 11.43
CA ALA A 485 -3.37 28.27 11.88
C ALA A 485 -4.38 27.77 10.84
N GLU A 486 -4.16 28.12 9.56
CA GLU A 486 -5.09 27.65 8.52
C GLU A 486 -4.99 26.14 8.35
N CYS A 487 -3.77 25.59 8.45
CA CYS A 487 -3.61 24.14 8.40
C CYS A 487 -4.37 23.46 9.53
N VAL A 488 -4.24 23.99 10.75
CA VAL A 488 -4.90 23.38 11.91
C VAL A 488 -6.41 23.47 11.76
N SER A 489 -6.91 24.58 11.21
CA SER A 489 -8.34 24.72 10.97
C SER A 489 -8.86 23.67 9.99
N CYS A 490 -8.14 23.48 8.87
CA CYS A 490 -8.57 22.49 7.88
C CYS A 490 -8.52 21.07 8.43
N ILE A 491 -7.42 20.70 9.10
CA ILE A 491 -7.30 19.34 9.62
C ILE A 491 -8.33 19.10 10.73
N GLY A 492 -8.58 20.11 11.57
CA GLY A 492 -9.56 19.94 12.63
C GLY A 492 -10.97 19.77 12.11
N GLU A 493 -11.33 20.53 11.06
CA GLU A 493 -12.64 20.36 10.47
C GLU A 493 -12.77 19.02 9.77
N LEU A 494 -11.69 18.53 9.15
CA LEU A 494 -11.72 17.22 8.53
C LEU A 494 -11.87 16.11 9.57
N ARG A 495 -11.20 16.25 10.71
CA ARG A 495 -11.31 15.24 11.76
C ARG A 495 -12.68 15.28 12.43
N HIS A 496 -13.28 16.46 12.54
CA HIS A 496 -14.64 16.56 13.08
C HIS A 496 -15.64 15.86 12.18
N HIS A 497 -15.56 16.09 10.88
CA HIS A 497 -16.42 15.43 9.91
C HIS A 497 -15.80 14.12 9.49
N ILE A 498 -16.26 13.56 8.36
CA ILE A 498 -15.86 12.28 7.77
C ILE A 498 -16.48 11.13 8.55
N PHE A 499 -16.26 11.12 9.87
CA PHE A 499 -16.88 10.12 10.73
C PHE A 499 -18.14 10.66 11.40
N HIS A 500 -18.66 11.78 10.92
CA HIS A 500 -19.99 12.24 11.32
C HIS A 500 -21.06 11.29 10.79
N TYR A 501 -22.18 11.22 11.50
CA TYR A 501 -23.26 10.32 11.12
C TYR A 501 -24.12 10.87 9.98
N LYS A 502 -24.00 12.16 9.65
CA LYS A 502 -24.88 12.77 8.67
C LYS A 502 -24.47 12.43 7.24
N ASN A 503 -23.22 12.71 6.90
CA ASN A 503 -22.75 12.56 5.52
C ASN A 503 -22.33 11.12 5.24
N VAL A 504 -22.94 10.52 4.21
CA VAL A 504 -22.62 9.16 3.82
C VAL A 504 -21.23 9.08 3.19
N THR A 505 -20.85 10.11 2.45
CA THR A 505 -19.64 10.11 1.64
C THR A 505 -18.63 11.13 2.16
N LEU A 506 -17.34 10.85 1.94
CA LEU A 506 -16.30 11.85 2.19
C LEU A 506 -16.46 13.06 1.28
N ILE A 507 -17.01 12.88 0.08
CA ILE A 507 -17.17 13.98 -0.88
C ILE A 507 -18.14 15.02 -0.34
N GLN A 508 -19.30 14.58 0.18
CA GLN A 508 -20.23 15.54 0.73
C GLN A 508 -19.72 16.12 2.04
N ALA A 509 -18.86 15.40 2.75
CA ALA A 509 -18.18 15.98 3.90
C ALA A 509 -17.29 17.15 3.50
N LEU A 510 -16.54 16.98 2.41
CA LEU A 510 -15.69 18.07 1.91
C LEU A 510 -16.55 19.23 1.42
N LYS A 511 -17.68 18.94 0.77
CA LYS A 511 -18.57 20.00 0.33
C LYS A 511 -19.15 20.78 1.51
N ARG A 512 -19.51 20.08 2.59
CA ARG A 512 -20.04 20.76 3.77
C ARG A 512 -18.96 21.60 4.45
N ILE A 513 -17.72 21.11 4.48
CA ILE A 513 -16.63 21.89 5.06
C ILE A 513 -16.37 23.14 4.22
N ALA A 514 -16.39 23.00 2.90
CA ALA A 514 -16.18 24.15 2.02
C ALA A 514 -17.30 25.17 2.12
N ASP A 515 -18.54 24.68 2.32
CA ASP A 515 -19.65 25.58 2.56
C ASP A 515 -19.50 26.30 3.89
N LYS A 516 -19.01 25.60 4.91
CA LYS A 516 -18.90 26.19 6.24
C LYS A 516 -17.77 27.22 6.29
N VAL A 517 -16.61 26.88 5.75
CA VAL A 517 -15.42 27.72 5.81
C VAL A 517 -15.14 28.29 4.42
N LYS A 518 -15.21 29.60 4.30
CA LYS A 518 -15.02 30.27 3.03
C LYS A 518 -13.55 30.34 2.65
N PRO A 519 -13.23 30.37 1.35
CA PRO A 519 -11.84 30.57 0.92
C PRO A 519 -11.33 31.98 1.15
N GLU A 520 -12.17 32.93 1.59
CA GLU A 520 -11.69 34.26 1.92
C GLU A 520 -10.84 34.25 3.18
N ASP A 521 -11.15 33.36 4.12
CA ASP A 521 -10.33 33.23 5.32
C ASP A 521 -8.97 32.64 4.99
N LEU A 522 -8.94 31.55 4.22
CA LEU A 522 -7.70 30.88 3.84
C LEU A 522 -7.03 31.70 2.75
N SER A 523 -6.09 32.55 3.15
CA SER A 523 -5.40 33.41 2.19
C SER A 523 -4.03 32.87 1.83
N VAL A 524 -3.23 32.49 2.83
CA VAL A 524 -1.90 31.94 2.56
C VAL A 524 -2.03 30.57 1.89
N LEU A 525 -3.03 29.78 2.27
CA LEU A 525 -3.24 28.49 1.65
C LEU A 525 -3.62 28.62 0.18
N ARG A 526 -4.48 29.58 -0.15
CA ARG A 526 -4.87 29.76 -1.54
C ARG A 526 -3.74 30.38 -2.35
N ALA A 527 -2.89 31.20 -1.72
CA ALA A 527 -1.71 31.70 -2.40
C ALA A 527 -0.73 30.57 -2.71
N ILE A 528 -0.55 29.65 -1.77
CA ILE A 528 0.31 28.48 -1.99
C ILE A 528 -0.25 27.60 -3.10
N TYR A 529 -1.57 27.40 -3.12
CA TYR A 529 -2.22 26.63 -4.18
C TYR A 529 -2.01 27.28 -5.54
N LEU A 530 -2.17 28.60 -5.64
CA LEU A 530 -1.99 29.29 -6.91
C LEU A 530 -0.53 29.25 -7.37
N LEU A 531 0.40 29.42 -6.43
CA LEU A 531 1.82 29.36 -6.77
C LEU A 531 2.21 27.98 -7.26
N ASP A 532 1.64 26.93 -6.67
CA ASP A 532 1.96 25.58 -7.10
C ASP A 532 1.30 25.26 -8.44
N ARG A 533 0.09 25.78 -8.67
CA ARG A 533 -0.58 25.56 -9.95
C ARG A 533 0.16 26.21 -11.09
N ARG A 534 0.70 27.41 -10.86
CA ARG A 534 1.48 28.09 -11.91
C ARG A 534 2.97 27.76 -11.75
N ASN A 535 3.26 26.45 -11.67
CA ASN A 535 4.64 25.96 -11.69
C ASN A 535 4.79 24.62 -12.40
N LEU A 536 3.71 24.05 -12.93
CA LEU A 536 3.79 22.81 -13.70
C LEU A 536 4.67 22.97 -14.92
N LYS A 537 4.67 24.18 -15.49
CA LYS A 537 5.37 24.46 -16.74
C LYS A 537 6.86 24.17 -16.62
N LYS A 538 7.44 24.49 -15.46
CA LYS A 538 8.84 24.18 -15.22
C LYS A 538 9.04 22.91 -14.41
N ALA A 539 8.02 22.42 -13.70
CA ALA A 539 8.15 21.14 -13.02
C ALA A 539 8.30 19.99 -14.01
N PHE A 540 7.55 20.03 -15.11
CA PHE A 540 7.69 18.99 -16.12
C PHE A 540 9.05 19.05 -16.80
N ALA A 541 9.56 20.25 -17.05
CA ALA A 541 10.90 20.40 -17.62
C ALA A 541 11.96 19.89 -16.67
N LYS A 542 11.78 20.12 -15.37
CA LYS A 542 12.71 19.59 -14.37
C LYS A 542 12.69 18.07 -14.37
N ARG A 543 11.51 17.46 -14.49
CA ARG A 543 11.43 16.00 -14.53
C ARG A 543 12.09 15.44 -15.78
N ILE A 544 11.86 16.09 -16.94
CA ILE A 544 12.43 15.64 -18.21
C ILE A 544 13.95 15.73 -18.15
N SER A 545 14.49 16.83 -17.63
CA SER A 545 15.94 16.95 -17.48
C SER A 545 16.47 15.97 -16.45
N SER A 546 15.66 15.65 -15.44
CA SER A 546 16.16 14.82 -14.35
C SER A 546 16.27 13.36 -14.75
N MET A 547 15.37 12.86 -15.59
CA MET A 547 15.41 11.43 -15.86
C MET A 547 16.64 10.99 -16.65
N ASN A 548 16.66 11.20 -17.97
CA ASN A 548 17.87 10.96 -18.74
C ASN A 548 17.96 11.82 -20.00
N LEU A 549 16.85 12.47 -20.36
CA LEU A 549 16.61 12.83 -21.76
C LEU A 549 17.59 13.80 -22.42
N PRO A 550 17.98 14.94 -21.81
CA PRO A 550 18.74 15.92 -22.61
C PRO A 550 20.16 15.51 -23.00
N LEU A 551 20.83 14.67 -22.20
CA LEU A 551 22.22 14.33 -22.54
C LEU A 551 22.34 13.17 -23.50
N TYR A 552 21.23 12.70 -24.09
CA TYR A 552 21.30 11.70 -25.13
C TYR A 552 20.64 12.14 -26.43
N TYR A 553 20.13 13.37 -26.51
CA TYR A 553 19.53 13.90 -27.72
C TYR A 553 19.94 15.36 -27.89
N ARG A 554 20.34 15.72 -29.10
CA ARG A 554 21.00 17.01 -29.37
C ARG A 554 20.02 18.12 -29.70
N GLU A 555 19.01 18.30 -28.84
CA GLU A 555 17.93 19.28 -29.01
C GLU A 555 17.19 19.08 -30.33
N ASP A 556 16.31 20.01 -30.68
CA ASP A 556 15.58 20.11 -31.96
C ASP A 556 14.80 18.84 -32.34
N LEU A 557 14.74 17.88 -31.43
CA LEU A 557 13.94 16.67 -31.48
C LEU A 557 13.08 16.55 -30.24
N LEU A 558 13.63 16.91 -29.08
CA LEU A 558 12.80 17.16 -27.91
C LEU A 558 11.86 18.34 -28.15
N SER A 559 12.31 19.32 -28.93
CA SER A 559 11.43 20.42 -29.32
C SER A 559 10.34 19.94 -30.27
N ARG A 560 10.63 18.92 -31.08
CA ARG A 560 9.61 18.37 -31.96
C ARG A 560 8.63 17.46 -31.22
N ILE A 561 9.00 16.97 -30.04
CA ILE A 561 8.10 16.14 -29.24
C ILE A 561 7.45 16.99 -28.15
N PHE A 562 8.25 17.62 -27.30
CA PHE A 562 7.75 18.50 -26.26
C PHE A 562 7.88 19.95 -26.73
N LYS A 563 6.99 20.34 -27.63
CA LYS A 563 7.01 21.69 -28.17
C LYS A 563 6.43 22.68 -27.16
N LYS A 564 6.86 23.94 -27.29
CA LYS A 564 6.39 24.98 -26.38
C LYS A 564 5.02 25.51 -26.79
N GLU A 565 4.58 25.22 -28.00
CA GLU A 565 3.20 25.47 -28.41
C GLU A 565 2.31 24.41 -27.76
N GLY A 566 0.99 24.56 -27.86
CA GLY A 566 0.05 23.62 -27.28
C GLY A 566 0.21 22.19 -27.77
N THR A 567 0.38 21.27 -26.83
CA THR A 567 0.65 19.86 -27.13
C THR A 567 -0.53 19.01 -26.71
N ALA A 568 -0.45 17.73 -27.05
CA ALA A 568 -1.37 16.72 -26.52
C ALA A 568 -0.79 16.00 -25.31
N PHE A 569 -0.31 16.78 -24.35
CA PHE A 569 0.26 16.19 -23.14
C PHE A 569 -0.53 16.65 -21.92
N PHE A 570 -0.76 15.74 -20.98
CA PHE A 570 -1.56 16.08 -19.82
C PHE A 570 -0.97 15.52 -18.53
N LEU A 571 -1.18 16.22 -17.42
CA LEU A 571 -0.62 15.78 -16.16
C LEU A 571 -1.17 14.44 -15.70
N TYR A 572 -2.47 14.22 -15.86
CA TYR A 572 -3.07 12.99 -15.36
C TYR A 572 -4.24 12.48 -16.20
N SER A 573 -4.23 11.20 -16.53
CA SER A 573 -5.33 10.62 -17.27
C SER A 573 -6.18 9.77 -16.34
N ALA A 574 -7.50 9.89 -16.48
CA ALA A 574 -8.44 9.05 -15.72
C ALA A 574 -8.39 7.65 -16.32
N LYS A 575 -7.45 6.86 -15.82
CA LYS A 575 -7.19 5.54 -16.37
C LYS A 575 -8.35 4.58 -16.13
N ILE A 576 -8.51 3.66 -17.03
CA ILE A 576 -9.53 2.62 -16.95
C ILE A 576 -8.93 1.43 -16.21
N GLN A 577 -9.78 0.65 -15.55
CA GLN A 577 -9.34 -0.41 -14.65
C GLN A 577 -8.52 -1.48 -15.37
N MET A 578 -7.47 -1.95 -14.70
CA MET A 578 -6.52 -2.96 -15.19
C MET A 578 -5.78 -2.47 -16.43
N THR A 579 -5.46 -1.19 -16.48
CA THR A 579 -4.55 -0.67 -17.48
C THR A 579 -3.13 -1.03 -17.09
N PRO A 580 -2.37 -1.70 -17.96
CA PRO A 580 -1.01 -2.12 -17.58
C PRO A 580 -0.08 -0.94 -17.45
N SER A 581 0.97 -1.13 -16.65
CA SER A 581 2.03 -0.15 -16.57
C SER A 581 2.90 -0.23 -17.83
N PHE A 582 3.78 0.76 -17.98
CA PHE A 582 4.65 0.79 -19.14
C PHE A 582 5.67 -0.35 -19.11
N GLN A 583 6.08 -0.77 -17.91
CA GLN A 583 7.18 -1.72 -17.78
C GLN A 583 6.80 -3.10 -18.30
N ARG A 584 5.64 -3.61 -17.90
CA ARG A 584 5.20 -4.94 -18.34
C ARG A 584 4.95 -4.97 -19.84
N VAL A 585 4.34 -3.91 -20.36
CA VAL A 585 4.12 -3.78 -21.81
C VAL A 585 5.44 -3.78 -22.55
N TYR A 586 6.44 -3.06 -22.02
CA TYR A 586 7.73 -2.98 -22.68
C TYR A 586 8.44 -4.32 -22.69
N GLU A 587 8.44 -5.05 -21.57
CA GLU A 587 9.08 -6.36 -21.55
C GLU A 587 8.39 -7.35 -22.49
N ARG A 588 7.05 -7.32 -22.52
CA ARG A 588 6.33 -8.21 -23.41
C ARG A 588 6.64 -7.91 -24.88
N GLY A 589 6.62 -6.63 -25.26
CA GLY A 589 6.92 -6.26 -26.63
C GLY A 589 8.35 -6.56 -27.02
N LYS A 590 9.30 -6.33 -26.11
CA LYS A 590 10.70 -6.60 -26.39
C LYS A 590 10.96 -8.09 -26.56
N ASN A 591 10.32 -8.93 -25.73
CA ASN A 591 10.48 -10.38 -25.89
C ASN A 591 9.86 -10.87 -27.19
N LEU A 592 8.69 -10.33 -27.56
CA LEU A 592 8.07 -10.72 -28.83
C LEU A 592 8.93 -10.32 -30.01
N ARG A 593 9.53 -9.12 -29.97
CA ARG A 593 10.40 -8.68 -31.05
C ARG A 593 11.65 -9.56 -31.15
N ARG A 594 12.23 -9.94 -30.01
CA ARG A 594 13.40 -10.81 -30.04
C ARG A 594 13.06 -12.18 -30.61
N GLU A 595 11.89 -12.73 -30.24
CA GLU A 595 11.45 -14.00 -30.80
C GLU A 595 11.26 -13.90 -32.31
N PHE A 596 10.67 -12.79 -32.77
CA PHE A 596 10.48 -12.60 -34.21
C PHE A 596 11.81 -12.49 -34.95
N GLU A 597 12.78 -11.78 -34.35
CA GLU A 597 14.11 -11.67 -34.96
C GLU A 597 14.79 -13.02 -35.08
N CYS A 598 14.71 -13.83 -34.02
CA CYS A 598 15.33 -15.16 -34.05
C CYS A 598 14.64 -16.06 -35.07
N GLU A 599 13.31 -15.99 -35.16
CA GLU A 599 12.61 -16.85 -36.13
C GLU A 599 12.86 -16.38 -37.57
N ARG A 600 13.08 -15.08 -37.77
CA ARG A 600 13.41 -14.60 -39.10
C ARG A 600 14.82 -15.01 -39.49
N MET A 601 15.76 -14.97 -38.54
CA MET A 601 17.12 -15.42 -38.81
C MET A 601 17.16 -16.93 -39.10
N LYS A 602 16.36 -17.71 -38.36
CA LYS A 602 16.29 -19.14 -38.63
C LYS A 602 15.61 -19.43 -39.96
N ALA A 603 14.65 -18.58 -40.36
CA ALA A 603 14.02 -18.76 -41.66
C ALA A 603 14.96 -18.37 -42.79
N GLU A 604 15.88 -17.44 -42.55
CA GLU A 604 16.86 -17.08 -43.57
C GLU A 604 17.92 -18.17 -43.73
N ALA A 605 18.16 -18.95 -42.67
CA ALA A 605 19.09 -20.07 -42.78
C ALA A 605 18.51 -21.19 -43.61
N SER A 606 17.23 -21.51 -43.41
CA SER A 606 16.59 -22.58 -44.18
C SER A 606 16.30 -22.14 -45.61
N ASN A 607 15.90 -20.89 -45.82
CA ASN A 607 15.60 -20.37 -47.14
C ASN A 607 16.43 -19.13 -47.37
N GLY A 608 17.29 -19.16 -48.39
CA GLY A 608 18.18 -18.04 -48.66
C GLY A 608 17.54 -16.94 -49.48
N GLN A 609 16.36 -16.49 -49.08
CA GLN A 609 15.65 -15.41 -49.74
C GLN A 609 15.34 -14.33 -48.71
N ASN A 610 15.65 -13.08 -49.06
CA ASN A 610 15.45 -11.95 -48.17
C ASN A 610 13.99 -11.50 -48.27
N GLY A 611 13.20 -11.76 -47.23
CA GLY A 611 11.83 -11.29 -47.21
C GLY A 611 11.76 -9.79 -47.01
N GLN A 612 10.92 -9.13 -47.79
CA GLN A 612 10.79 -7.67 -47.72
C GLN A 612 10.03 -7.21 -46.48
N ASP A 613 9.29 -8.11 -45.83
CA ASP A 613 8.65 -7.81 -44.55
C ASP A 613 9.63 -8.10 -43.42
N GLY A 614 9.25 -7.69 -42.22
CA GLY A 614 10.11 -7.92 -41.08
C GLY A 614 10.18 -6.78 -40.09
N ASP A 615 9.41 -5.72 -40.32
CA ASP A 615 9.36 -4.57 -39.42
C ASP A 615 8.00 -4.42 -38.77
N ARG A 616 7.37 -5.51 -38.35
CA ARG A 616 6.01 -5.46 -37.85
C ARG A 616 5.92 -5.20 -36.34
N LEU A 617 7.02 -5.35 -35.60
CA LEU A 617 6.98 -5.07 -34.16
C LEU A 617 8.23 -4.32 -33.73
N LYS A 618 8.58 -3.26 -34.47
CA LYS A 618 9.73 -2.44 -34.10
C LYS A 618 9.31 -1.52 -32.94
N TRP A 619 10.16 -0.53 -32.65
CA TRP A 619 10.12 0.39 -31.50
C TRP A 619 10.41 -0.33 -30.19
N PHE A 620 10.57 -1.66 -30.20
CA PHE A 620 10.97 -2.43 -29.04
C PHE A 620 12.35 -3.04 -29.25
N ARG A 621 13.09 -2.58 -30.25
CA ARG A 621 14.43 -3.10 -30.52
C ARG A 621 15.39 -2.73 -29.40
N GLN A 622 16.28 -3.65 -29.07
CA GLN A 622 17.21 -3.47 -27.95
C GLN A 622 18.52 -2.90 -28.47
N LEU A 623 18.40 -1.74 -29.15
CA LEU A 623 19.51 -0.99 -29.72
C LEU A 623 20.37 -1.85 -30.64
N ALA A 624 21.48 -2.36 -30.12
CA ALA A 624 22.30 -3.30 -30.87
C ALA A 624 22.96 -4.30 -29.94
N ASP A 654 26.04 4.70 -29.78
CA ASP A 654 26.09 4.37 -28.35
C ASP A 654 25.08 3.29 -28.01
N THR A 655 25.56 2.20 -27.39
CA THR A 655 24.71 1.06 -27.04
C THR A 655 24.90 0.62 -25.59
N ASP A 656 25.20 1.55 -24.70
CA ASP A 656 25.43 1.20 -23.30
C ASP A 656 24.11 0.90 -22.60
N VAL A 657 24.21 0.60 -21.30
CA VAL A 657 23.02 0.32 -20.51
C VAL A 657 22.27 1.62 -20.17
N ASP A 658 22.98 2.75 -20.19
CA ASP A 658 22.32 4.03 -19.95
C ASP A 658 21.55 4.49 -21.17
N ALA A 659 22.00 4.10 -22.37
CA ALA A 659 21.31 4.50 -23.59
C ALA A 659 19.94 3.83 -23.69
N GLN A 660 19.88 2.55 -23.32
CA GLN A 660 18.59 1.87 -23.26
C GLN A 660 17.71 2.45 -22.15
N ARG A 661 18.33 2.92 -21.06
CA ARG A 661 17.58 3.60 -20.01
C ARG A 661 16.93 4.88 -20.53
N ALA A 662 17.69 5.68 -21.30
CA ALA A 662 17.14 6.92 -21.84
C ALA A 662 16.06 6.66 -22.87
N LEU A 663 16.25 5.65 -23.72
CA LEU A 663 15.22 5.27 -24.69
C LEU A 663 13.95 4.79 -23.99
N ARG A 664 14.11 4.00 -22.93
CA ARG A 664 12.99 3.53 -22.13
C ARG A 664 12.26 4.69 -21.47
N ASN A 665 13.00 5.68 -20.97
CA ASN A 665 12.38 6.82 -20.30
C ASN A 665 11.61 7.70 -21.28
N LEU A 666 12.16 7.90 -22.48
CA LEU A 666 11.45 8.66 -23.50
C LEU A 666 10.16 7.96 -23.92
N LEU A 667 10.23 6.64 -24.12
CA LEU A 667 9.03 5.88 -24.46
C LEU A 667 8.03 5.87 -23.31
N LEU A 668 8.52 5.88 -22.07
CA LEU A 668 7.65 5.95 -20.90
C LEU A 668 6.91 7.27 -20.84
N LEU A 669 7.60 8.38 -21.13
CA LEU A 669 6.97 9.69 -21.16
C LEU A 669 5.88 9.76 -22.23
N ILE A 670 6.17 9.24 -23.42
CA ILE A 670 5.18 9.24 -24.49
C ILE A 670 3.99 8.34 -24.12
N TYR A 671 4.26 7.20 -23.49
CA TYR A 671 3.19 6.29 -23.10
C TYR A 671 2.30 6.91 -22.03
N ARG A 672 2.89 7.59 -21.05
CA ARG A 672 2.12 8.09 -19.92
C ARG A 672 1.35 9.35 -20.26
N HIS A 673 2.01 10.34 -20.87
CA HIS A 673 1.37 11.64 -21.02
C HIS A 673 0.75 11.87 -22.40
N HIS A 674 0.97 10.98 -23.37
CA HIS A 674 0.39 11.16 -24.70
C HIS A 674 -0.51 10.02 -25.11
N PHE A 675 -0.07 8.77 -24.94
CA PHE A 675 -0.82 7.63 -25.46
C PHE A 675 -2.05 7.33 -24.63
N LEU A 676 -1.94 7.42 -23.30
CA LEU A 676 -3.07 7.07 -22.44
C LEU A 676 -4.21 8.08 -22.47
N PRO A 677 -3.99 9.41 -22.49
CA PRO A 677 -5.12 10.30 -22.79
C PRO A 677 -5.74 10.08 -24.16
N GLU A 678 -4.95 9.69 -25.15
CA GLU A 678 -5.50 9.38 -26.46
C GLU A 678 -6.38 8.15 -26.43
N VAL A 679 -5.99 7.14 -25.64
CA VAL A 679 -6.83 5.96 -25.47
C VAL A 679 -8.09 6.32 -24.69
N GLN A 680 -7.97 7.22 -23.71
CA GLN A 680 -9.13 7.66 -22.93
C GLN A 680 -10.15 8.38 -23.81
N LYS A 681 -9.69 9.25 -24.71
CA LYS A 681 -10.60 9.94 -25.61
C LYS A 681 -11.18 8.99 -26.66
N ASP A 682 -10.35 8.12 -27.23
CA ASP A 682 -10.77 7.20 -28.29
C ASP A 682 -10.15 5.85 -28.02
N GLU A 683 -10.97 4.91 -27.53
CA GLU A 683 -10.47 3.60 -27.14
C GLU A 683 -10.28 2.65 -28.31
N THR A 684 -10.83 3.01 -29.49
CA THR A 684 -10.87 2.10 -30.63
C THR A 684 -9.48 1.67 -31.07
N LEU A 685 -8.46 2.52 -30.82
CA LEU A 685 -7.06 2.20 -31.00
C LEU A 685 -6.71 0.81 -30.48
N VAL A 686 -7.01 0.56 -29.20
CA VAL A 686 -6.71 -0.74 -28.61
C VAL A 686 -7.56 -1.81 -29.29
N THR A 687 -8.84 -1.52 -29.52
CA THR A 687 -9.71 -2.47 -30.21
C THR A 687 -9.24 -2.70 -31.64
N GLY A 688 -8.60 -1.69 -32.22
CA GLY A 688 -8.08 -1.81 -33.58
C GLY A 688 -7.00 -2.87 -33.71
N LYS A 689 -6.54 -3.42 -32.60
CA LYS A 689 -5.58 -4.51 -32.63
C LYS A 689 -6.11 -5.86 -32.20
N ILE A 690 -7.24 -5.92 -31.46
CA ILE A 690 -7.49 -7.08 -30.58
C ILE A 690 -7.60 -8.38 -31.38
N HIS A 691 -8.38 -8.35 -32.47
CA HIS A 691 -8.62 -9.54 -33.28
C HIS A 691 -7.31 -10.10 -33.82
N LYS A 692 -6.41 -9.20 -34.24
CA LYS A 692 -5.15 -9.63 -34.83
C LYS A 692 -4.35 -10.47 -33.85
N VAL A 693 -4.34 -10.06 -32.58
CA VAL A 693 -3.58 -10.80 -31.56
C VAL A 693 -4.14 -12.21 -31.43
N LEU A 694 -5.47 -12.33 -31.43
CA LEU A 694 -6.10 -13.64 -31.35
C LEU A 694 -5.68 -14.52 -32.52
N GLU A 695 -5.62 -13.92 -33.72
CA GLU A 695 -5.24 -14.67 -34.90
C GLU A 695 -3.82 -15.19 -34.76
N ARG A 696 -2.93 -14.39 -34.16
CA ARG A 696 -1.54 -14.81 -33.98
C ARG A 696 -1.47 -16.04 -33.09
N ASN A 697 -2.31 -16.09 -32.06
CA ASN A 697 -2.34 -17.25 -31.18
C ASN A 697 -2.77 -18.49 -31.95
N ARG A 698 -3.77 -18.33 -32.83
CA ARG A 698 -4.20 -19.44 -33.66
C ARG A 698 -3.11 -19.88 -34.62
N GLN A 699 -2.26 -18.94 -35.04
CA GLN A 699 -1.18 -19.28 -35.95
C GLN A 699 -0.11 -20.13 -35.26
N LEU A 700 -0.10 -20.17 -33.93
CA LEU A 700 0.79 -21.08 -33.23
C LEU A 700 0.07 -22.32 -32.72
N SER A 701 -1.23 -22.45 -33.00
CA SER A 701 -1.94 -23.66 -32.61
C SER A 701 -1.60 -24.82 -33.54
N GLU A 702 -1.42 -24.54 -34.82
CA GLU A 702 -1.11 -25.57 -35.79
C GLU A 702 0.31 -25.41 -36.33
N HIS A 712 -5.40 -23.86 -27.74
CA HIS A 712 -4.51 -22.77 -27.39
C HIS A 712 -4.92 -22.14 -26.07
N GLY A 713 -4.18 -21.12 -25.63
CA GLY A 713 -4.43 -20.49 -24.35
C GLY A 713 -5.37 -19.32 -24.36
N TYR A 714 -5.63 -18.72 -25.52
CA TYR A 714 -6.55 -17.60 -25.60
C TYR A 714 -7.96 -18.07 -25.94
N SER A 715 -8.24 -19.37 -25.78
CA SER A 715 -9.58 -19.88 -26.06
C SER A 715 -10.61 -19.32 -25.10
N VAL A 716 -10.24 -19.16 -23.84
CA VAL A 716 -11.14 -18.55 -22.86
C VAL A 716 -11.38 -17.09 -23.19
N ILE A 717 -10.34 -16.41 -23.70
CA ILE A 717 -10.45 -14.99 -24.03
C ILE A 717 -11.10 -14.77 -25.39
N GLU A 718 -11.09 -15.79 -26.26
CA GLU A 718 -11.73 -15.66 -27.57
C GLU A 718 -13.25 -15.61 -27.47
N GLU A 719 -13.83 -16.10 -26.38
CA GLU A 719 -15.27 -16.19 -26.25
C GLU A 719 -15.92 -14.92 -25.72
N LEU A 720 -15.20 -14.13 -24.92
CA LEU A 720 -15.82 -12.96 -24.28
C LEU A 720 -16.07 -11.84 -25.28
N TYR A 721 -15.09 -11.53 -26.13
CA TYR A 721 -15.18 -10.42 -27.07
C TYR A 721 -15.84 -10.92 -28.35
N HIS A 722 -17.10 -10.53 -28.60
CA HIS A 722 -17.79 -10.99 -29.79
C HIS A 722 -17.51 -10.13 -31.02
N GLU A 723 -18.02 -8.90 -31.01
CA GLU A 723 -17.77 -8.00 -32.13
C GLU A 723 -17.41 -6.62 -31.61
N GLY A 724 -18.39 -5.94 -31.01
CA GLY A 724 -18.13 -4.62 -30.45
C GLY A 724 -18.61 -4.54 -29.02
N MET A 725 -17.66 -4.47 -28.09
CA MET A 725 -18.01 -4.38 -26.68
C MET A 725 -17.15 -3.34 -25.98
N PRO A 726 -17.76 -2.49 -25.16
CA PRO A 726 -17.00 -1.47 -24.43
C PRO A 726 -15.84 -2.10 -23.69
N LEU A 727 -14.63 -1.66 -23.97
CA LEU A 727 -13.45 -2.25 -23.35
C LEU A 727 -13.58 -2.25 -21.83
N SER A 728 -14.32 -1.29 -21.28
CA SER A 728 -14.52 -1.26 -19.84
C SER A 728 -15.06 -2.58 -19.32
N ASP A 729 -16.06 -3.13 -20.02
CA ASP A 729 -16.60 -4.43 -19.64
C ASP A 729 -15.57 -5.53 -19.84
N LEU A 730 -14.77 -5.44 -20.92
CA LEU A 730 -13.74 -6.43 -21.18
C LEU A 730 -12.70 -6.47 -20.07
N MET A 731 -12.23 -5.29 -19.62
CA MET A 731 -11.28 -5.28 -18.52
C MET A 731 -11.93 -5.68 -17.20
N LYS A 732 -13.25 -5.50 -17.06
CA LYS A 732 -13.89 -5.97 -15.83
C LYS A 732 -13.94 -7.50 -15.78
N GLN A 733 -14.26 -8.17 -16.91
CA GLN A 733 -14.22 -9.63 -16.90
C GLN A 733 -12.80 -10.16 -16.78
N LEU A 734 -11.84 -9.48 -17.41
CA LEU A 734 -10.45 -9.93 -17.28
C LEU A 734 -9.93 -9.71 -15.87
N GLN A 735 -10.40 -8.67 -15.18
CA GLN A 735 -10.07 -8.49 -13.77
C GLN A 735 -10.63 -9.64 -12.94
N ARG A 736 -11.86 -10.06 -13.22
CA ARG A 736 -12.44 -11.20 -12.51
C ARG A 736 -11.63 -12.47 -12.74
N ARG A 737 -11.27 -12.74 -14.00
CA ARG A 737 -10.50 -13.96 -14.31
C ARG A 737 -9.13 -13.95 -13.66
N ILE A 738 -8.44 -12.80 -13.69
CA ILE A 738 -7.13 -12.69 -13.07
C ILE A 738 -7.23 -12.88 -11.56
N SER A 739 -8.30 -12.36 -10.95
CA SER A 739 -8.49 -12.51 -9.51
C SER A 739 -8.68 -13.97 -9.12
N GLU A 740 -9.54 -14.70 -9.85
CA GLU A 740 -9.73 -16.11 -9.53
C GLU A 740 -8.46 -16.92 -9.76
N THR A 741 -7.71 -16.62 -10.83
CA THR A 741 -6.49 -17.36 -11.11
C THR A 741 -5.45 -17.15 -10.01
N GLU A 742 -5.27 -15.89 -9.57
CA GLU A 742 -4.30 -15.62 -8.51
C GLU A 742 -4.73 -16.24 -7.18
N ARG A 743 -6.03 -16.17 -6.85
CA ARG A 743 -6.49 -16.74 -5.59
C ARG A 743 -6.36 -18.26 -5.58
N GLU A 744 -6.65 -18.91 -6.72
CA GLU A 744 -6.46 -20.36 -6.80
C GLU A 744 -4.99 -20.75 -6.71
N SER A 745 -4.10 -19.97 -7.34
CA SER A 745 -2.68 -20.27 -7.24
C SER A 745 -2.17 -20.10 -5.82
N ARG A 746 -2.65 -19.08 -5.10
CA ARG A 746 -2.24 -18.89 -3.72
C ARG A 746 -2.80 -19.97 -2.81
N GLU A 747 -4.03 -20.42 -3.08
CA GLU A 747 -4.66 -21.42 -2.23
C GLU A 747 -4.05 -22.79 -2.41
N LEU A 748 -3.82 -23.21 -3.65
CA LEU A 748 -3.36 -24.56 -3.94
C LEU A 748 -1.85 -24.71 -3.93
N ALA A 749 -1.11 -23.64 -3.66
CA ALA A 749 0.34 -23.59 -3.58
C ALA A 749 1.04 -24.06 -4.86
N GLN A 750 0.44 -23.79 -6.02
CA GLN A 750 1.05 -24.07 -7.31
C GLN A 750 1.06 -22.81 -8.15
N GLU A 751 2.07 -22.70 -9.02
CA GLU A 751 2.22 -21.55 -9.91
C GLU A 751 1.62 -21.89 -11.27
N LYS A 752 0.63 -21.11 -11.70
CA LYS A 752 -0.10 -21.37 -12.93
C LYS A 752 0.20 -20.29 -13.96
N THR A 753 -0.47 -20.42 -15.11
CA THR A 753 -0.26 -19.53 -16.24
C THR A 753 -1.40 -18.53 -16.32
N ASP A 754 -1.05 -17.25 -16.46
CA ASP A 754 -2.03 -16.17 -16.53
C ASP A 754 -2.18 -15.75 -17.99
N TYR A 755 -3.29 -16.16 -18.60
CA TYR A 755 -3.52 -15.84 -20.01
C TYR A 755 -4.16 -14.47 -20.19
N ALA A 756 -4.99 -14.04 -19.23
CA ALA A 756 -5.66 -12.75 -19.36
C ALA A 756 -4.68 -11.59 -19.24
N GLN A 757 -3.74 -11.68 -18.30
CA GLN A 757 -2.73 -10.64 -18.16
C GLN A 757 -1.84 -10.57 -19.40
N ARG A 758 -1.49 -11.72 -19.95
CA ARG A 758 -0.69 -11.76 -21.17
C ARG A 758 -1.45 -11.16 -22.35
N PHE A 759 -2.75 -11.41 -22.43
CA PHE A 759 -3.56 -10.85 -23.50
C PHE A 759 -3.64 -9.34 -23.41
N ILE A 760 -3.81 -8.81 -22.18
CA ILE A 760 -3.83 -7.37 -21.97
C ILE A 760 -2.51 -6.75 -22.40
N LEU A 761 -1.40 -7.37 -21.99
CA LEU A 761 -0.07 -6.87 -22.36
C LEU A 761 0.14 -6.90 -23.87
N ASP A 762 -0.34 -7.97 -24.52
CA ASP A 762 -0.16 -8.11 -25.97
C ASP A 762 -0.92 -7.02 -26.73
N ILE A 763 -2.19 -6.82 -26.38
CA ILE A 763 -2.99 -5.84 -27.14
C ILE A 763 -2.49 -4.42 -26.86
N PHE A 764 -2.04 -4.14 -25.63
CA PHE A 764 -1.56 -2.79 -25.36
C PHE A 764 -0.19 -2.54 -25.99
N ALA A 765 0.65 -3.58 -26.10
CA ALA A 765 1.92 -3.42 -26.80
C ALA A 765 1.71 -3.16 -28.29
N GLU A 766 0.77 -3.89 -28.91
CA GLU A 766 0.47 -3.65 -30.32
C GLU A 766 -0.10 -2.25 -30.55
N ALA A 767 -1.00 -1.81 -29.66
CA ALA A 767 -1.58 -0.48 -29.78
C ALA A 767 -0.51 0.60 -29.61
N PHE A 768 0.41 0.42 -28.65
CA PHE A 768 1.46 1.39 -28.44
C PHE A 768 2.40 1.47 -29.63
N ASN A 769 2.75 0.31 -30.21
CA ASN A 769 3.64 0.30 -31.37
C ASN A 769 3.00 1.01 -32.57
N ASP A 770 1.72 0.75 -32.81
CA ASP A 770 1.05 1.39 -33.94
C ASP A 770 0.86 2.90 -33.71
N PHE A 771 0.57 3.29 -32.46
CA PHE A 771 0.44 4.70 -32.13
C PHE A 771 1.76 5.44 -32.32
N LEU A 772 2.86 4.82 -31.89
CA LEU A 772 4.19 5.42 -32.07
C LEU A 772 4.55 5.51 -33.54
N GLU A 773 4.13 4.52 -34.33
CA GLU A 773 4.37 4.57 -35.77
C GLU A 773 3.57 5.70 -36.43
N ALA A 774 2.35 5.95 -35.96
CA ALA A 774 1.48 6.92 -36.62
C ALA A 774 1.95 8.35 -36.40
N HIS A 775 2.45 8.67 -35.20
CA HIS A 775 2.75 10.06 -34.86
C HIS A 775 4.23 10.41 -34.93
N TYR A 776 5.12 9.46 -34.67
CA TYR A 776 6.55 9.74 -34.59
C TYR A 776 7.34 8.95 -35.63
N GLY A 777 6.70 8.63 -36.75
CA GLY A 777 7.35 7.79 -37.76
C GLY A 777 8.54 8.46 -38.42
N GLU A 778 8.48 9.79 -38.58
CA GLU A 778 9.56 10.50 -39.25
C GLU A 778 10.81 10.63 -38.38
N GLU A 779 10.71 10.33 -37.09
CA GLU A 779 11.85 10.45 -36.18
C GLU A 779 12.27 9.11 -35.61
N TYR A 780 11.96 8.01 -36.29
CA TYR A 780 12.32 6.68 -35.80
C TYR A 780 13.84 6.48 -35.80
N LEU A 781 14.51 6.94 -36.85
CA LEU A 781 15.96 6.76 -36.93
C LEU A 781 16.69 7.62 -35.90
N GLU A 782 16.19 8.83 -35.66
CA GLU A 782 16.85 9.72 -34.70
C GLU A 782 16.59 9.29 -33.26
N ILE A 783 15.42 8.69 -32.99
CA ILE A 783 15.12 8.23 -31.64
C ILE A 783 16.00 7.03 -31.29
N MET A 784 16.18 6.11 -32.24
CA MET A 784 16.95 4.89 -32.00
C MET A 784 18.45 5.09 -32.12
N SER A 785 18.94 6.32 -32.08
CA SER A 785 20.38 6.61 -32.10
C SER A 785 20.72 7.58 -30.97
N PRO A 786 20.72 7.13 -29.72
CA PRO A 786 21.16 8.00 -28.63
C PRO A 786 22.67 8.19 -28.66
N ARG A 787 23.11 9.31 -28.09
CA ARG A 787 24.52 9.68 -28.13
C ARG A 787 24.83 10.54 -26.91
N LYS A 788 25.79 10.12 -26.09
CA LYS A 788 26.08 10.83 -24.86
C LYS A 788 26.80 12.15 -25.14
N ASP A 789 26.36 13.21 -24.48
CA ASP A 789 26.97 14.53 -24.61
C ASP A 789 26.65 15.33 -23.36
N ALA A 790 27.67 15.75 -22.63
CA ALA A 790 27.45 16.54 -21.43
C ALA A 790 27.22 18.01 -21.72
N GLU A 791 27.44 18.46 -22.96
CA GLU A 791 27.23 19.87 -23.29
C GLU A 791 25.75 20.22 -23.30
N ALA A 792 24.92 19.34 -23.87
CA ALA A 792 23.47 19.57 -23.83
C ALA A 792 22.91 19.37 -22.43
N ALA A 793 23.59 18.56 -21.61
CA ALA A 793 23.18 18.40 -20.22
C ALA A 793 23.46 19.67 -19.41
N LYS A 794 24.62 20.30 -19.63
CA LYS A 794 24.90 21.57 -18.99
C LYS A 794 24.02 22.67 -19.54
N LYS A 795 23.65 22.57 -20.81
CA LYS A 795 22.66 23.46 -21.39
C LYS A 795 21.27 22.91 -21.07
N TRP A 796 20.23 23.50 -21.67
CA TRP A 796 18.82 23.12 -21.58
C TRP A 796 18.23 23.36 -20.19
N VAL A 797 19.08 23.69 -19.21
CA VAL A 797 18.60 24.04 -17.87
C VAL A 797 18.96 25.47 -17.49
N LYS A 798 19.93 26.09 -18.17
CA LYS A 798 20.17 27.52 -18.02
C LYS A 798 19.29 28.34 -18.95
N GLU A 799 18.51 27.68 -19.80
CA GLU A 799 17.60 28.37 -20.72
C GLU A 799 16.20 28.53 -20.13
N SER A 800 15.86 27.76 -19.09
CA SER A 800 14.52 27.70 -18.49
C SER A 800 13.47 27.35 -19.55
N LYS A 801 13.58 26.10 -20.03
CA LYS A 801 12.85 25.65 -21.20
C LYS A 801 11.34 25.74 -21.04
N THR A 802 10.83 25.47 -19.83
CA THR A 802 9.42 25.64 -19.40
C THR A 802 8.43 25.05 -20.42
N VAL A 803 8.47 23.71 -20.47
CA VAL A 803 7.64 22.91 -21.37
C VAL A 803 6.17 22.99 -20.98
N ASP A 804 5.29 22.42 -21.80
CA ASP A 804 3.90 22.85 -21.91
C ASP A 804 2.89 21.79 -21.47
N LEU A 805 3.07 21.24 -20.28
CA LEU A 805 2.09 20.33 -19.71
C LEU A 805 0.75 21.03 -19.50
N LYS A 806 -0.34 20.31 -19.71
CA LYS A 806 -1.68 20.87 -19.62
C LYS A 806 -2.51 20.13 -18.57
N THR A 807 -3.49 20.84 -18.03
CA THR A 807 -4.37 20.28 -17.00
C THR A 807 -5.70 21.03 -17.01
N SER A 808 -6.68 20.45 -16.33
CA SER A 808 -8.02 21.00 -16.25
C SER A 808 -8.27 21.81 -14.99
N ILE A 809 -7.26 21.98 -14.14
CA ILE A 809 -7.42 22.75 -12.91
C ILE A 809 -7.41 24.24 -13.25
N ASP A 810 -8.32 24.99 -12.62
CA ASP A 810 -8.44 26.42 -12.86
C ASP A 810 -7.18 27.16 -12.41
N GLU A 811 -6.85 28.22 -13.12
CA GLU A 811 -5.61 28.97 -12.89
C GLU A 811 -5.81 30.25 -12.10
N LYS A 812 -7.05 30.68 -11.88
CA LYS A 812 -7.31 31.91 -11.14
C LYS A 812 -8.16 31.75 -9.89
N GLU A 813 -8.89 30.65 -9.74
CA GLU A 813 -9.70 30.48 -8.55
C GLU A 813 -9.79 29.02 -8.13
N PRO A 814 -9.23 28.64 -6.98
CA PRO A 814 -9.37 27.26 -6.51
C PRO A 814 -10.76 26.97 -5.99
N GLU A 815 -11.16 25.71 -6.13
CA GLU A 815 -12.43 25.27 -5.57
C GLU A 815 -12.32 25.11 -4.07
N GLY A 816 -13.46 25.15 -3.39
CA GLY A 816 -13.46 25.13 -1.94
C GLY A 816 -13.01 23.80 -1.36
N HIS A 817 -13.56 22.70 -1.88
CA HIS A 817 -13.21 21.37 -1.36
C HIS A 817 -11.77 21.02 -1.68
N LEU A 818 -11.30 21.38 -2.87
CA LEU A 818 -9.90 21.16 -3.24
C LEU A 818 -8.97 21.94 -2.32
N LEU A 819 -9.33 23.19 -2.01
CA LEU A 819 -8.51 24.01 -1.12
C LEU A 819 -8.49 23.44 0.29
N VAL A 820 -9.62 22.88 0.74
CA VAL A 820 -9.67 22.27 2.06
C VAL A 820 -8.80 21.02 2.11
N LEU A 821 -8.85 20.19 1.07
CA LEU A 821 -8.07 18.95 1.06
C LEU A 821 -6.61 19.14 0.66
N TYR A 822 -6.23 20.34 0.20
CA TYR A 822 -4.85 20.57 -0.25
C TYR A 822 -3.77 20.35 0.80
N PRO A 823 -3.87 20.86 2.05
CA PRO A 823 -2.78 20.58 3.01
C PRO A 823 -2.61 19.10 3.36
N VAL A 824 -3.69 18.31 3.33
CA VAL A 824 -3.58 16.88 3.62
C VAL A 824 -2.71 16.20 2.58
N LEU A 825 -2.95 16.48 1.30
CA LEU A 825 -2.11 15.94 0.24
C LEU A 825 -0.70 16.51 0.32
N ARG A 826 -0.58 17.77 0.75
CA ARG A 826 0.73 18.39 0.88
C ARG A 826 1.56 17.77 2.00
N LEU A 827 0.92 17.11 2.96
CA LEU A 827 1.63 16.55 4.11
C LEU A 827 1.82 15.04 4.04
N LEU A 828 1.63 14.42 2.87
CA LEU A 828 1.93 13.00 2.66
C LEU A 828 3.10 12.88 1.70
N ASP A 829 3.97 11.89 1.92
CA ASP A 829 5.27 11.93 1.25
C ASP A 829 5.24 11.36 -0.18
N GLU A 830 5.16 10.03 -0.31
CA GLU A 830 5.20 9.47 -1.66
C GLU A 830 4.30 8.26 -1.86
N ARG A 831 3.98 7.54 -0.79
CA ARG A 831 3.30 6.26 -0.90
C ARG A 831 1.85 6.32 -0.44
N GLU A 832 1.58 7.11 0.61
CA GLU A 832 0.20 7.35 1.01
C GLU A 832 -0.58 8.08 -0.07
N LEU A 833 0.10 8.93 -0.85
CA LEU A 833 -0.51 9.54 -2.03
C LEU A 833 -0.92 8.48 -3.04
N GLY A 834 -0.07 7.48 -3.25
CA GLY A 834 -0.41 6.40 -4.16
C GLY A 834 -1.57 5.56 -3.66
N GLU A 835 -1.62 5.29 -2.35
CA GLU A 835 -2.74 4.53 -1.80
C GLU A 835 -4.05 5.31 -1.91
N LEU A 836 -4.01 6.61 -1.65
CA LEU A 836 -5.21 7.44 -1.79
C LEU A 836 -5.66 7.52 -3.25
N GLN A 837 -4.70 7.61 -4.18
CA GLN A 837 -5.04 7.63 -5.60
C GLN A 837 -5.65 6.30 -6.05
N GLN A 838 -5.10 5.17 -5.59
CA GLN A 838 -5.68 3.88 -5.93
C GLN A 838 -7.07 3.70 -5.33
N GLN A 839 -7.28 4.21 -4.12
CA GLN A 839 -8.61 4.16 -3.52
C GLN A 839 -9.60 4.99 -4.30
N MET A 840 -9.18 6.16 -4.78
CA MET A 840 -10.07 6.99 -5.59
C MET A 840 -10.37 6.35 -6.94
N ILE A 841 -9.38 5.67 -7.53
CA ILE A 841 -9.60 4.97 -8.80
C ILE A 841 -10.58 3.82 -8.60
N ARG A 842 -10.42 3.06 -7.51
CA ARG A 842 -11.35 1.99 -7.20
C ARG A 842 -12.76 2.53 -6.94
N TYR A 843 -12.85 3.67 -6.24
CA TYR A 843 -14.16 4.25 -5.95
C TYR A 843 -14.83 4.71 -7.24
N ARG A 844 -14.06 5.32 -8.15
CA ARG A 844 -14.61 5.79 -9.41
C ARG A 844 -15.09 4.64 -10.28
N THR A 845 -14.29 3.56 -10.35
CA THR A 845 -14.70 2.38 -11.11
C THR A 845 -15.94 1.74 -10.50
N SER A 846 -16.01 1.70 -9.16
CA SER A 846 -17.17 1.14 -8.48
C SER A 846 -18.43 1.96 -8.74
N LEU A 847 -18.30 3.29 -8.73
CA LEU A 847 -19.45 4.15 -8.99
C LEU A 847 -19.91 4.03 -10.44
N ALA A 848 -18.97 3.91 -11.37
CA ALA A 848 -19.34 3.73 -12.77
C ALA A 848 -19.96 2.36 -13.02
N SER A 849 -19.57 1.36 -12.23
CA SER A 849 -20.05 0.00 -12.46
C SER A 849 -21.50 -0.21 -12.03
N TRP A 850 -22.04 0.65 -11.17
CA TRP A 850 -23.38 0.45 -10.67
C TRP A 850 -24.41 0.86 -11.72
N GLN A 851 -25.60 0.28 -11.62
CA GLN A 851 -26.67 0.48 -12.59
C GLN A 851 -27.39 1.80 -12.27
N GLY A 852 -28.57 1.98 -12.88
CA GLY A 852 -29.34 3.19 -12.74
C GLY A 852 -29.88 3.46 -11.33
N GLU A 853 -30.63 4.56 -11.20
CA GLU A 853 -31.09 5.08 -9.91
C GLU A 853 -29.93 5.31 -8.94
N SER A 854 -28.82 5.81 -9.47
CA SER A 854 -27.60 5.98 -8.70
C SER A 854 -27.33 7.46 -8.35
N ASN A 855 -27.30 8.31 -9.38
CA ASN A 855 -27.04 9.75 -9.25
C ASN A 855 -25.69 10.00 -8.55
N PHE A 856 -24.62 9.55 -9.22
CA PHE A 856 -23.27 9.65 -8.67
C PHE A 856 -22.32 10.37 -9.61
N SER A 857 -22.84 11.19 -10.53
CA SER A 857 -21.99 11.83 -11.54
C SER A 857 -21.08 12.88 -10.91
N GLU A 858 -21.64 13.71 -10.01
CA GLU A 858 -20.84 14.75 -9.39
C GLU A 858 -19.78 14.16 -8.46
N GLU A 859 -20.10 13.05 -7.79
CA GLU A 859 -19.09 12.36 -6.99
C GLU A 859 -17.98 11.81 -7.86
N ILE A 860 -18.31 11.28 -9.04
CA ILE A 860 -17.29 10.80 -9.98
C ILE A 860 -16.39 11.95 -10.43
N ARG A 861 -17.00 13.09 -10.74
CA ARG A 861 -16.22 14.25 -11.19
C ARG A 861 -15.30 14.77 -10.08
N ILE A 862 -15.81 14.83 -8.85
CA ILE A 862 -14.98 15.29 -7.73
C ILE A 862 -13.86 14.30 -7.44
N ALA A 863 -14.14 13.00 -7.56
CA ALA A 863 -13.11 11.99 -7.36
C ALA A 863 -12.00 12.09 -8.42
N GLY A 864 -12.38 12.35 -9.67
CA GLY A 864 -11.39 12.59 -10.70
C GLY A 864 -10.57 13.84 -10.44
N GLN A 865 -11.23 14.88 -9.92
CA GLN A 865 -10.51 16.11 -9.54
C GLN A 865 -9.51 15.84 -8.42
N ILE A 866 -9.89 15.00 -7.45
CA ILE A 866 -8.99 14.64 -6.35
C ILE A 866 -7.80 13.87 -6.88
N GLU A 867 -8.04 12.94 -7.82
CA GLU A 867 -6.95 12.19 -8.44
C GLU A 867 -5.99 13.11 -9.18
N GLU A 868 -6.52 14.07 -9.94
CA GLU A 868 -5.68 15.01 -10.68
C GLU A 868 -4.89 15.90 -9.73
N LEU A 869 -5.51 16.35 -8.63
CA LEU A 869 -4.81 17.16 -7.64
C LEU A 869 -3.70 16.38 -6.96
N THR A 870 -3.95 15.10 -6.66
CA THR A 870 -2.90 14.25 -6.08
C THR A 870 -1.75 14.06 -7.05
N GLU A 871 -2.05 13.89 -8.34
CA GLU A 871 -0.99 13.78 -9.34
C GLU A 871 -0.21 15.08 -9.46
N LEU A 872 -0.89 16.23 -9.35
CA LEU A 872 -0.22 17.51 -9.39
C LEU A 872 0.71 17.71 -8.19
N VAL A 873 0.27 17.29 -7.00
CA VAL A 873 1.12 17.38 -5.83
C VAL A 873 2.32 16.45 -5.95
N LYS A 874 2.09 15.24 -6.50
CA LYS A 874 3.18 14.29 -6.72
C LYS A 874 4.19 14.82 -7.72
N LEU A 875 3.72 15.48 -8.79
CA LEU A 875 4.62 15.99 -9.82
C LEU A 875 5.36 17.22 -9.34
N THR A 876 4.65 18.16 -8.71
CA THR A 876 5.26 19.41 -8.25
C THR A 876 6.00 19.13 -6.96
N GLU A 877 7.29 18.82 -7.10
CA GLU A 877 8.11 18.49 -5.95
C GLU A 877 8.33 19.74 -5.10
N PRO A 878 8.51 19.58 -3.78
CA PRO A 878 8.63 20.76 -2.91
C PRO A 878 9.92 21.57 -3.05
N GLU A 879 10.75 21.29 -4.08
CA GLU A 879 12.02 21.97 -4.35
C GLU A 879 12.94 21.89 -3.13
N PRO A 880 13.64 20.76 -2.94
CA PRO A 880 14.32 20.49 -1.66
C PRO A 880 15.41 21.47 -1.28
N GLN A 881 15.87 22.27 -2.26
CA GLN A 881 16.93 23.28 -2.15
C GLN A 881 18.08 22.82 -1.27
N PHE A 882 18.69 21.70 -1.68
CA PHE A 882 19.88 21.21 -0.99
C PHE A 882 21.05 22.20 -1.14
N ALA A 883 21.30 22.63 -2.37
CA ALA A 883 22.30 23.64 -2.75
C ALA A 883 23.67 23.23 -2.22
N GLU A 884 24.47 24.22 -1.83
CA GLU A 884 25.76 24.05 -1.16
C GLU A 884 26.68 23.17 -2.01
N GLU A 885 27.54 22.37 -1.38
CA GLU A 885 28.27 21.33 -2.08
C GLU A 885 27.95 19.95 -1.50
N VAL A 886 28.10 19.77 -0.20
CA VAL A 886 27.83 18.48 0.43
C VAL A 886 26.78 18.63 1.53
N TRP A 887 27.11 19.37 2.58
CA TRP A 887 26.19 19.44 3.72
C TRP A 887 25.65 20.83 4.00
N GLY A 888 24.67 20.90 4.90
CA GLY A 888 24.11 22.19 5.29
C GLY A 888 24.14 22.30 6.80
N LYS A 889 22.98 22.53 7.41
CA LYS A 889 22.90 22.61 8.86
C LYS A 889 21.74 21.79 9.39
N ARG A 890 21.46 20.67 8.73
CA ARG A 890 20.37 19.80 9.17
C ARG A 890 20.76 18.34 9.02
N ALA A 891 20.89 17.88 7.78
CA ALA A 891 21.23 16.49 7.53
C ALA A 891 22.59 16.14 8.12
N LYS A 892 23.52 17.08 8.08
CA LYS A 892 24.87 16.81 8.57
C LYS A 892 24.80 16.23 9.97
N GLU A 893 24.09 16.92 10.86
CA GLU A 893 23.94 16.41 12.22
C GLU A 893 23.13 15.14 12.19
N ALA A 894 21.99 15.17 11.50
CA ALA A 894 21.16 13.98 11.39
C ALA A 894 21.86 12.81 10.70
N PHE A 895 23.13 12.97 10.34
CA PHE A 895 23.82 11.88 9.63
C PHE A 895 25.27 11.69 10.08
N GLU A 896 25.67 12.21 11.24
CA GLU A 896 27.03 11.98 11.73
C GLU A 896 27.25 10.51 12.07
N ASP A 897 26.33 9.92 12.81
CA ASP A 897 26.53 8.56 13.31
C ASP A 897 26.01 7.51 12.32
N PHE A 898 26.36 7.70 11.06
CA PHE A 898 26.16 6.68 10.03
C PHE A 898 27.33 6.66 9.06
N ILE A 899 28.34 7.48 9.28
CA ILE A 899 29.56 7.51 8.50
C ILE A 899 30.66 6.95 9.39
N GLU A 900 31.43 5.99 8.86
CA GLU A 900 32.37 5.27 9.71
C GLU A 900 33.50 6.17 10.20
N GLY A 901 34.00 7.06 9.36
CA GLY A 901 35.00 8.01 9.78
C GLY A 901 34.52 9.45 9.69
N ASN A 902 35.06 10.19 8.72
CA ASN A 902 34.63 11.54 8.42
C ASN A 902 34.26 11.62 6.96
N MET A 903 33.33 12.53 6.62
CA MET A 903 32.85 12.63 5.25
C MET A 903 33.93 13.11 4.29
N LYS A 904 34.96 13.79 4.79
CA LYS A 904 36.05 14.24 3.92
C LYS A 904 36.87 13.07 3.40
N ASN A 905 36.86 11.93 4.09
CA ASN A 905 37.59 10.77 3.60
C ASN A 905 36.88 10.11 2.42
N TYR A 906 35.59 10.38 2.24
CA TYR A 906 34.81 9.86 1.12
C TYR A 906 34.52 10.93 0.09
N GLU A 907 35.51 11.79 -0.21
CA GLU A 907 35.29 12.92 -1.10
C GLU A 907 35.37 12.56 -2.58
N ALA A 908 35.83 11.35 -2.92
CA ALA A 908 35.97 10.95 -4.32
C ALA A 908 34.64 10.95 -5.05
N PHE A 909 33.62 10.33 -4.45
CA PHE A 909 32.24 10.59 -4.81
C PHE A 909 31.60 11.33 -3.65
N TYR A 910 30.27 11.45 -3.69
CA TYR A 910 29.40 12.33 -2.90
C TYR A 910 29.51 13.78 -3.38
N LEU A 911 30.40 14.08 -4.32
CA LEU A 911 30.56 15.42 -4.87
C LEU A 911 31.24 15.26 -6.22
N GLN A 912 30.68 15.94 -7.24
CA GLN A 912 31.16 15.87 -8.62
C GLN A 912 31.22 14.43 -9.10
N SER A 913 32.42 13.83 -9.04
CA SER A 913 32.70 12.46 -9.46
C SER A 913 32.26 12.20 -10.89
N ASP A 914 31.08 11.61 -11.07
CA ASP A 914 30.57 11.29 -12.40
C ASP A 914 29.87 12.46 -13.09
N ASN A 915 29.66 13.57 -12.37
CA ASN A 915 28.98 14.77 -12.89
C ASN A 915 27.59 14.44 -13.44
N ASN A 916 26.85 13.64 -12.68
CA ASN A 916 25.51 13.20 -13.09
C ASN A 916 24.50 13.51 -12.00
N THR A 917 23.32 12.90 -12.08
CA THR A 917 22.31 13.00 -11.05
C THR A 917 22.86 12.52 -9.71
N PRO A 918 22.69 13.31 -8.64
CA PRO A 918 23.16 12.81 -7.35
C PRO A 918 22.02 12.15 -6.56
N VAL A 919 21.83 10.85 -6.75
CA VAL A 919 20.78 10.14 -6.04
C VAL A 919 20.98 10.28 -4.55
N TYR A 920 22.22 10.14 -4.10
CA TYR A 920 22.52 10.29 -2.68
C TYR A 920 21.82 11.52 -2.13
N ARG A 921 21.68 12.55 -2.96
CA ARG A 921 21.08 13.79 -2.48
C ARG A 921 19.56 13.65 -2.33
N ARG A 922 18.92 13.05 -3.33
CA ARG A 922 17.48 12.80 -3.24
C ARG A 922 17.16 11.80 -2.15
N ASN A 923 18.03 10.79 -1.98
CA ASN A 923 17.85 9.81 -0.91
C ASN A 923 17.92 10.48 0.45
N MET A 924 18.90 11.34 0.67
CA MET A 924 19.07 11.99 1.97
C MET A 924 17.97 13.01 2.22
N SER A 925 17.50 13.70 1.18
CA SER A 925 16.40 14.66 1.35
C SER A 925 15.10 13.95 1.69
N ARG A 926 14.78 12.86 0.98
CA ARG A 926 13.56 12.12 1.27
C ARG A 926 13.67 11.37 2.59
N LEU A 927 14.89 11.05 3.02
CA LEU A 927 15.07 10.40 4.31
C LEU A 927 14.88 11.40 5.46
N LEU A 928 15.43 12.60 5.31
CA LEU A 928 15.33 13.63 6.33
C LEU A 928 13.95 14.26 6.38
N ARG A 929 13.19 14.19 5.30
CA ARG A 929 11.84 14.74 5.29
C ARG A 929 10.88 13.93 6.16
N SER A 930 11.06 12.60 6.20
CA SER A 930 10.10 11.72 6.86
C SER A 930 10.06 11.88 8.38
N GLY A 931 11.06 12.53 8.97
CA GLY A 931 11.05 12.80 10.39
C GLY A 931 11.37 11.60 11.27
N LEU A 932 11.97 10.55 10.71
CA LEU A 932 12.31 9.36 11.46
C LEU A 932 13.79 9.32 11.84
N MET A 933 14.51 10.43 11.70
CA MET A 933 15.95 10.39 11.93
C MET A 933 16.28 10.34 13.42
N GLY A 934 15.45 10.98 14.26
CA GLY A 934 15.67 10.88 15.70
C GLY A 934 15.47 9.47 16.21
N VAL A 935 14.42 8.80 15.74
CA VAL A 935 14.18 7.40 16.11
C VAL A 935 15.34 6.52 15.66
N TYR A 936 15.81 6.73 14.43
CA TYR A 936 16.86 5.88 13.88
C TYR A 936 18.20 6.14 14.54
N GLN A 937 18.45 7.38 14.98
CA GLN A 937 19.70 7.63 15.68
C GLN A 937 19.63 7.18 17.13
N LYS A 938 18.42 7.01 17.67
CA LYS A 938 18.31 6.36 18.99
C LYS A 938 18.42 4.84 18.90
N VAL A 939 17.90 4.23 17.84
CA VAL A 939 17.78 2.78 17.72
C VAL A 939 18.98 2.18 16.97
N LEU A 940 19.28 2.71 15.79
CA LEU A 940 20.29 2.15 14.90
C LEU A 940 21.61 2.89 15.01
N ALA A 941 22.02 3.25 16.23
CA ALA A 941 23.20 4.10 16.43
C ALA A 941 24.47 3.42 15.96
N SER A 942 24.73 2.19 16.41
CA SER A 942 25.97 1.50 16.07
C SER A 942 25.82 0.61 14.84
N HIS A 943 25.25 1.18 13.78
CA HIS A 943 25.01 0.45 12.53
C HIS A 943 25.36 1.33 11.34
N LYS A 944 26.58 1.87 11.32
CA LYS A 944 27.04 2.80 10.30
C LYS A 944 26.92 2.21 8.90
N GLN A 945 26.49 3.04 7.95
CA GLN A 945 26.13 2.57 6.61
C GLN A 945 27.19 2.87 5.56
N ALA A 946 27.97 3.94 5.73
CA ALA A 946 28.97 4.28 4.73
C ALA A 946 30.12 3.28 4.72
N LEU A 947 30.64 2.96 5.91
CA LEU A 947 31.77 2.05 6.13
C LEU A 947 33.02 2.44 5.37
N LYS A 948 34.03 1.57 5.35
CA LYS A 948 35.28 1.89 4.70
C LYS A 948 35.68 0.78 3.74
N ARG A 949 35.25 -0.44 4.04
CA ARG A 949 35.43 -1.56 3.14
C ARG A 949 34.69 -1.32 1.82
N ASP A 950 33.49 -0.74 1.91
CA ASP A 950 32.72 -0.46 0.70
C ASP A 950 33.35 0.64 -0.13
N TYR A 951 33.90 1.68 0.51
CA TYR A 951 34.57 2.73 -0.24
C TYR A 951 35.86 2.22 -0.87
N LEU A 952 36.58 1.35 -0.15
CA LEU A 952 37.76 0.73 -0.72
C LEU A 952 37.42 -0.16 -1.91
N LEU A 953 36.28 -0.86 -1.84
CA LEU A 953 35.86 -1.71 -2.94
C LEU A 953 35.40 -0.88 -4.13
N TRP A 954 34.77 0.26 -3.88
CA TRP A 954 34.33 1.14 -4.96
C TRP A 954 35.51 1.84 -5.62
N SER A 955 36.58 2.11 -4.86
CA SER A 955 37.77 2.72 -5.44
C SER A 955 38.69 1.72 -6.11
N GLU A 956 38.36 0.44 -6.07
CA GLU A 956 39.16 -0.59 -6.71
C GLU A 956 39.03 -0.50 -8.22
N LYS A 957 40.16 -0.49 -8.94
CA LYS A 957 40.15 -0.37 -10.39
C LYS A 957 41.06 -1.41 -11.06
N HIS A 958 41.35 -2.50 -10.37
CA HIS A 958 42.28 -3.52 -10.84
C HIS A 958 41.69 -4.91 -10.62
N TRP A 959 40.47 -5.12 -11.16
CA TRP A 959 39.72 -6.36 -11.00
C TRP A 959 40.55 -7.57 -11.43
N ASN A 960 40.50 -8.61 -10.59
CA ASN A 960 41.30 -9.82 -10.78
C ASN A 960 40.55 -10.91 -11.51
N VAL A 961 39.67 -10.56 -12.45
CA VAL A 961 38.84 -11.57 -13.08
C VAL A 961 39.60 -12.30 -14.19
N LYS A 962 40.58 -11.63 -14.80
CA LYS A 962 41.43 -12.18 -15.86
C LYS A 962 40.59 -12.70 -17.03
N ASP A 963 39.96 -11.75 -17.71
CA ASP A 963 39.03 -12.05 -18.80
C ASP A 963 39.72 -12.83 -19.92
N GLU A 964 38.99 -13.80 -20.48
CA GLU A 964 39.58 -14.74 -21.43
C GLU A 964 39.97 -14.08 -22.74
N ASN A 965 39.16 -13.16 -23.25
CA ASN A 965 39.28 -12.68 -24.63
C ASN A 965 40.37 -11.61 -24.77
N GLY A 966 41.56 -11.94 -24.29
CA GLY A 966 42.75 -11.11 -24.49
C GLY A 966 42.71 -9.74 -23.86
N ALA A 967 42.06 -9.62 -22.71
CA ALA A 967 41.93 -8.33 -22.03
C ALA A 967 41.68 -8.58 -20.55
N ASP A 968 41.79 -7.51 -19.77
CA ASP A 968 41.49 -7.55 -18.34
C ASP A 968 40.47 -6.47 -18.01
N ILE A 969 39.45 -6.85 -17.26
CA ILE A 969 38.39 -5.92 -16.87
C ILE A 969 38.92 -4.97 -15.81
N SER A 970 38.70 -3.67 -16.01
CA SER A 970 39.06 -2.65 -15.02
C SER A 970 37.88 -1.83 -14.53
N SER A 971 36.72 -1.90 -15.17
CA SER A 971 35.59 -1.06 -14.81
C SER A 971 34.31 -1.87 -14.79
N ALA A 972 33.30 -1.33 -14.10
CA ALA A 972 32.02 -2.03 -13.96
C ALA A 972 31.22 -2.01 -15.26
N GLU A 973 31.46 -1.02 -16.12
CA GLU A 973 30.79 -0.99 -17.42
C GLU A 973 31.25 -2.15 -18.29
N GLN A 974 32.54 -2.47 -18.26
CA GLN A 974 33.05 -3.62 -19.01
C GLN A 974 32.49 -4.93 -18.45
N ALA A 975 32.34 -5.01 -17.13
CA ALA A 975 31.74 -6.19 -16.51
C ALA A 975 30.28 -6.35 -16.91
N GLN A 976 29.54 -5.24 -16.97
CA GLN A 976 28.15 -5.31 -17.41
C GLN A 976 28.06 -5.68 -18.89
N CYS A 977 29.02 -5.22 -19.69
CA CYS A 977 29.09 -5.63 -21.09
C CYS A 977 29.37 -7.13 -21.21
N LEU A 978 30.26 -7.67 -20.37
CA LEU A 978 30.51 -9.11 -20.40
C LEU A 978 29.29 -9.91 -19.96
N LEU A 979 28.56 -9.42 -18.95
CA LEU A 979 27.30 -10.07 -18.56
C LEU A 979 26.32 -10.09 -19.73
N GLN A 980 26.18 -8.96 -20.42
CA GLN A 980 25.26 -8.89 -21.55
C GLN A 980 25.69 -9.83 -22.68
N ARG A 981 26.99 -9.87 -23.00
CA ARG A 981 27.48 -10.72 -24.07
C ARG A 981 27.32 -12.20 -23.73
N LEU A 982 27.70 -12.59 -22.51
CA LEU A 982 27.61 -13.99 -22.11
C LEU A 982 26.15 -14.43 -22.00
N HIS A 983 25.27 -13.52 -21.55
CA HIS A 983 23.86 -13.88 -21.47
C HIS A 983 23.22 -13.98 -22.84
N ARG A 984 23.66 -13.16 -23.80
CA ARG A 984 23.17 -13.30 -25.16
C ARG A 984 23.65 -14.62 -25.79
N LYS A 985 24.92 -14.98 -25.54
CA LYS A 985 25.44 -16.24 -26.07
C LYS A 985 24.74 -17.43 -25.43
N TYR A 986 24.42 -17.35 -24.14
CA TYR A 986 23.64 -18.40 -23.50
C TYR A 986 22.21 -18.43 -24.06
N ALA A 987 21.63 -17.26 -24.33
CA ALA A 987 20.26 -17.19 -24.82
C ALA A 987 20.14 -17.81 -26.19
N GLU A 988 21.17 -17.64 -27.03
CA GLU A 988 21.12 -18.26 -28.35
C GLU A 988 21.36 -19.76 -28.28
N SER A 989 22.23 -20.20 -27.37
CA SER A 989 22.61 -21.61 -27.25
C SER A 989 22.52 -22.04 -25.79
N PRO A 990 21.33 -22.37 -25.30
CA PRO A 990 21.19 -22.77 -23.90
C PRO A 990 21.72 -24.17 -23.59
N SER A 991 21.48 -25.10 -24.52
CA SER A 991 21.87 -26.49 -24.28
C SER A 991 23.37 -26.70 -24.46
N ARG A 992 24.01 -25.93 -25.33
CA ARG A 992 25.45 -26.02 -25.53
C ARG A 992 26.11 -24.75 -24.98
N PHE A 993 26.73 -24.91 -23.83
CA PHE A 993 27.54 -23.88 -23.19
C PHE A 993 28.87 -24.48 -22.77
N THR A 994 29.95 -23.77 -23.06
CA THR A 994 31.28 -24.21 -22.69
C THR A 994 31.45 -24.11 -21.19
N GLU A 995 32.26 -25.02 -20.64
CA GLU A 995 32.44 -25.07 -19.19
C GLU A 995 33.21 -23.85 -18.69
N GLU A 996 34.13 -23.34 -19.51
CA GLU A 996 34.91 -22.17 -19.12
C GLU A 996 34.02 -20.93 -18.97
N ASP A 997 33.11 -20.73 -19.93
CA ASP A 997 32.26 -19.54 -19.88
C ASP A 997 31.23 -19.62 -18.76
N CYS A 998 30.81 -20.84 -18.39
CA CYS A 998 29.80 -20.97 -17.35
C CYS A 998 30.34 -20.58 -15.98
N LYS A 999 31.62 -20.86 -15.73
CA LYS A 999 32.22 -20.36 -14.49
C LYS A 999 32.72 -18.94 -14.63
N LEU A 1000 33.05 -18.51 -15.86
CA LEU A 1000 33.38 -17.11 -16.10
C LEU A 1000 32.22 -16.20 -15.78
N TYR A 1001 31.00 -16.65 -16.09
CA TYR A 1001 29.77 -15.92 -15.78
C TYR A 1001 29.65 -15.67 -14.28
N GLU A 1002 29.88 -16.70 -13.47
CA GLU A 1002 29.83 -16.53 -12.01
C GLU A 1002 30.99 -15.67 -11.53
N LYS A 1003 32.16 -15.79 -12.15
CA LYS A 1003 33.32 -15.01 -11.76
C LYS A 1003 33.07 -13.52 -11.92
N VAL A 1004 32.44 -13.11 -13.02
CA VAL A 1004 32.11 -11.68 -13.14
C VAL A 1004 30.88 -11.32 -12.31
N LEU A 1005 29.94 -12.26 -12.12
CA LEU A 1005 28.71 -11.96 -11.40
C LEU A 1005 28.96 -11.64 -9.93
N ARG A 1006 29.81 -12.41 -9.25
CA ARG A 1006 30.04 -12.18 -7.83
C ARG A 1006 30.76 -10.86 -7.59
N ARG A 1007 31.72 -10.54 -8.46
CA ARG A 1007 32.41 -9.26 -8.37
C ARG A 1007 31.46 -8.09 -8.61
N LEU A 1008 30.58 -8.20 -9.62
CA LEU A 1008 29.63 -7.14 -9.89
C LEU A 1008 28.65 -6.96 -8.75
N GLU A 1009 28.23 -8.06 -8.12
CA GLU A 1009 27.29 -7.96 -7.01
C GLU A 1009 27.95 -7.34 -5.78
N ASP A 1010 29.21 -7.67 -5.51
CA ASP A 1010 29.92 -7.00 -4.41
C ASP A 1010 30.05 -5.51 -4.66
N TYR A 1011 30.36 -5.12 -5.90
CA TYR A 1011 30.46 -3.71 -6.25
C TYR A 1011 29.12 -3.00 -6.07
N ASN A 1012 28.03 -3.64 -6.52
CA ASN A 1012 26.72 -3.01 -6.44
C ASN A 1012 26.24 -2.89 -5.00
N GLN A 1013 26.54 -3.88 -4.15
CA GLN A 1013 26.14 -3.78 -2.76
C GLN A 1013 26.94 -2.72 -2.03
N ALA A 1014 28.22 -2.57 -2.37
CA ALA A 1014 29.01 -1.48 -1.81
C ALA A 1014 28.45 -0.12 -2.21
N VAL A 1015 28.05 0.02 -3.48
CA VAL A 1015 27.47 1.28 -3.94
C VAL A 1015 26.14 1.56 -3.26
N LYS A 1016 25.30 0.53 -3.09
CA LYS A 1016 23.99 0.72 -2.47
C LYS A 1016 24.11 1.07 -1.00
N ASN A 1017 25.08 0.48 -0.29
CA ASN A 1017 25.29 0.85 1.10
C ASN A 1017 25.86 2.26 1.20
N LEU A 1018 26.73 2.65 0.27
CA LEU A 1018 27.33 3.97 0.32
C LEU A 1018 26.33 5.07 -0.03
N SER A 1019 25.42 4.79 -0.95
CA SER A 1019 24.50 5.80 -1.46
C SER A 1019 23.24 5.96 -0.62
N PHE A 1020 23.24 5.45 0.61
CA PHE A 1020 22.13 5.53 1.56
C PHE A 1020 20.84 4.90 1.02
N SER A 1021 20.96 3.98 0.06
CA SER A 1021 19.78 3.33 -0.48
C SER A 1021 19.24 2.27 0.46
N SER A 1022 20.12 1.61 1.22
CA SER A 1022 19.67 0.60 2.17
C SER A 1022 18.92 1.23 3.34
N LEU A 1023 19.43 2.35 3.86
CA LEU A 1023 18.73 3.03 4.95
C LEU A 1023 17.39 3.58 4.50
N TYR A 1024 17.33 4.13 3.28
CA TYR A 1024 16.06 4.62 2.77
C TYR A 1024 15.08 3.47 2.51
N GLU A 1025 15.57 2.33 2.05
CA GLU A 1025 14.71 1.17 1.86
C GLU A 1025 14.16 0.67 3.19
N ILE A 1026 14.99 0.68 4.23
CA ILE A 1026 14.54 0.30 5.56
C ILE A 1026 13.50 1.29 6.09
N CYS A 1027 13.69 2.59 5.81
CA CYS A 1027 12.73 3.59 6.22
C CYS A 1027 11.39 3.41 5.50
N VAL A 1028 11.43 3.09 4.21
CA VAL A 1028 10.21 2.82 3.45
C VAL A 1028 9.50 1.60 4.01
N LEU A 1029 10.26 0.54 4.34
CA LEU A 1029 9.68 -0.65 4.94
C LEU A 1029 9.05 -0.36 6.30
N ASN A 1030 9.72 0.45 7.12
CA ASN A 1030 9.21 0.79 8.44
C ASN A 1030 7.94 1.63 8.35
N LEU A 1031 7.89 2.60 7.43
CA LEU A 1031 6.68 3.38 7.22
C LEU A 1031 5.59 2.56 6.56
N GLU A 1032 5.93 1.43 5.94
CA GLU A 1032 4.90 0.51 5.45
C GLU A 1032 4.37 -0.40 6.55
N ILE A 1033 5.19 -0.73 7.54
CA ILE A 1033 4.69 -1.48 8.70
C ILE A 1033 3.69 -0.63 9.47
N LEU A 1034 4.05 0.62 9.73
CA LEU A 1034 3.09 1.61 10.17
C LEU A 1034 2.14 1.92 9.02
N SER A 1035 1.00 2.53 9.34
CA SER A 1035 -0.11 2.83 8.42
C SER A 1035 -0.81 1.58 7.90
N ARG A 1036 -0.32 0.41 8.28
CA ARG A 1036 -1.05 -0.83 8.24
C ARG A 1036 -1.70 -1.11 9.58
N TRP A 1037 -0.95 -0.87 10.66
CA TRP A 1037 -1.52 -0.90 12.00
C TRP A 1037 -2.49 0.25 12.23
N VAL A 1038 -2.27 1.40 11.57
CA VAL A 1038 -3.24 2.48 11.63
C VAL A 1038 -4.54 2.07 10.94
N GLY A 1039 -4.44 1.33 9.84
CA GLY A 1039 -5.63 0.78 9.21
C GLY A 1039 -6.34 -0.22 10.09
N PHE A 1040 -5.58 -1.04 10.83
CA PHE A 1040 -6.18 -1.96 11.78
C PHE A 1040 -6.93 -1.22 12.89
N VAL A 1041 -6.36 -0.11 13.37
CA VAL A 1041 -6.98 0.66 14.44
C VAL A 1041 -8.25 1.35 13.94
N GLN A 1042 -8.23 1.86 12.70
CA GLN A 1042 -9.44 2.42 12.10
C GLN A 1042 -10.54 1.37 11.95
N ASP A 1043 -10.14 0.15 11.54
CA ASP A 1043 -11.08 -0.96 11.45
C ASP A 1043 -11.71 -1.28 12.79
N TRP A 1044 -10.90 -1.32 13.85
CA TRP A 1044 -11.41 -1.58 15.20
C TRP A 1044 -12.39 -0.50 15.63
N GLU A 1045 -12.05 0.76 15.36
CA GLU A 1045 -12.89 1.87 15.80
C GLU A 1045 -14.26 1.84 15.11
N ARG A 1046 -14.27 1.61 13.80
CA ARG A 1046 -15.54 1.52 13.09
C ARG A 1046 -16.36 0.31 13.54
N ASP A 1047 -15.69 -0.83 13.77
CA ASP A 1047 -16.40 -2.02 14.20
C ASP A 1047 -17.01 -1.85 15.59
N MET A 1048 -16.30 -1.21 16.51
CA MET A 1048 -16.86 -0.99 17.84
C MET A 1048 -17.98 0.04 17.83
N TYR A 1049 -17.87 1.07 16.97
CA TYR A 1049 -18.97 2.02 16.83
C TYR A 1049 -20.23 1.33 16.35
N PHE A 1050 -20.11 0.47 15.33
CA PHE A 1050 -21.30 -0.21 14.81
C PHE A 1050 -21.83 -1.26 15.80
N LEU A 1051 -20.93 -1.92 16.52
CA LEU A 1051 -21.37 -2.90 17.53
C LEU A 1051 -22.14 -2.23 18.66
N LEU A 1052 -21.65 -1.09 19.15
CA LEU A 1052 -22.35 -0.37 20.19
C LEU A 1052 -23.68 0.18 19.71
N LEU A 1053 -23.73 0.64 18.45
CA LEU A 1053 -25.00 1.10 17.89
C LEU A 1053 -26.02 -0.04 17.81
N ALA A 1054 -25.58 -1.22 17.38
CA ALA A 1054 -26.48 -2.37 17.31
C ALA A 1054 -26.93 -2.82 18.70
N TRP A 1055 -26.04 -2.74 19.69
CA TRP A 1055 -26.43 -3.10 21.05
C TRP A 1055 -27.47 -2.15 21.60
N VAL A 1056 -27.28 -0.84 21.37
CA VAL A 1056 -28.23 0.15 21.89
C VAL A 1056 -29.58 0.01 21.19
N ARG A 1057 -29.57 -0.32 19.90
CA ARG A 1057 -30.83 -0.41 19.15
C ARG A 1057 -31.73 -1.52 19.68
N GLN A 1058 -31.18 -2.69 19.99
CA GLN A 1058 -32.02 -3.77 20.50
C GLN A 1058 -32.06 -3.82 22.02
N GLY A 1059 -32.24 -2.66 22.65
CA GLY A 1059 -32.38 -2.52 24.09
C GLY A 1059 -31.41 -3.27 25.01
N LYS A 1060 -30.20 -3.57 24.54
CA LYS A 1060 -29.28 -4.37 25.33
C LYS A 1060 -28.72 -3.57 26.50
N LEU A 1061 -28.35 -2.31 26.27
CA LEU A 1061 -27.85 -1.44 27.32
C LEU A 1061 -29.00 -0.59 27.84
N ASP A 1062 -29.12 -0.52 29.17
CA ASP A 1062 -30.32 0.03 29.78
C ASP A 1062 -30.29 1.57 29.81
N GLY A 1063 -29.34 2.14 30.54
CA GLY A 1063 -29.32 3.56 30.75
C GLY A 1063 -28.38 4.28 29.79
N ILE A 1064 -28.35 3.84 28.53
CA ILE A 1064 -27.46 4.39 27.53
C ILE A 1064 -28.29 4.73 26.31
N LYS A 1065 -28.16 5.97 25.82
CA LYS A 1065 -28.89 6.44 24.65
C LYS A 1065 -27.96 6.56 23.46
N GLU A 1066 -28.58 6.77 22.29
CA GLU A 1066 -27.81 6.90 21.05
C GLU A 1066 -26.97 8.17 21.03
N GLU A 1067 -27.44 9.22 21.70
CA GLU A 1067 -26.68 10.46 21.80
C GLU A 1067 -25.37 10.23 22.54
N ASP A 1068 -25.41 9.43 23.61
CA ASP A 1068 -24.19 9.09 24.34
C ASP A 1068 -23.24 8.28 23.47
N VAL A 1069 -23.78 7.38 22.64
CA VAL A 1069 -22.94 6.57 21.75
C VAL A 1069 -22.24 7.46 20.74
N ARG A 1070 -22.97 8.40 20.13
CA ARG A 1070 -22.34 9.28 19.16
C ARG A 1070 -21.39 10.28 19.83
N ASP A 1071 -21.65 10.63 21.08
CA ASP A 1071 -20.77 11.53 21.82
C ASP A 1071 -19.50 10.84 22.31
N ILE A 1072 -19.52 9.50 22.43
CA ILE A 1072 -18.28 8.77 22.71
C ILE A 1072 -17.28 8.98 21.58
N PHE A 1073 -17.74 8.88 20.33
CA PHE A 1073 -16.88 8.91 19.16
C PHE A 1073 -16.83 10.27 18.49
N SER A 1074 -17.37 11.32 19.12
CA SER A 1074 -17.36 12.63 18.50
C SER A 1074 -16.05 13.37 18.75
N GLU A 1075 -15.76 13.68 20.02
CA GLU A 1075 -14.58 14.47 20.35
C GLU A 1075 -13.98 13.95 21.64
N GLY A 1076 -12.70 14.28 21.86
CA GLY A 1076 -11.96 13.74 22.97
C GLY A 1076 -11.47 12.34 22.68
N ASN A 1077 -10.88 11.72 23.70
CA ASN A 1077 -10.42 10.34 23.57
C ASN A 1077 -11.61 9.38 23.49
N ILE A 1078 -11.50 8.41 22.59
CA ILE A 1078 -12.51 7.35 22.52
C ILE A 1078 -12.41 6.46 23.75
N ILE A 1079 -11.18 6.16 24.18
CA ILE A 1079 -10.97 5.24 25.30
C ILE A 1079 -11.48 5.84 26.60
N ARG A 1080 -11.16 7.12 26.84
CA ARG A 1080 -11.63 7.79 28.04
C ARG A 1080 -13.14 7.98 28.03
N ASN A 1081 -13.72 8.24 26.85
CA ASN A 1081 -15.17 8.36 26.75
C ASN A 1081 -15.86 7.03 27.07
N LEU A 1082 -15.29 5.93 26.58
CA LEU A 1082 -15.85 4.61 26.87
C LEU A 1082 -15.72 4.26 28.34
N VAL A 1083 -14.59 4.62 28.96
CA VAL A 1083 -14.38 4.30 30.37
C VAL A 1083 -15.32 5.12 31.25
N ASP A 1084 -15.45 6.42 30.96
CA ASP A 1084 -16.31 7.28 31.76
C ASP A 1084 -17.78 7.07 31.45
N THR A 1085 -18.10 6.42 30.34
CA THR A 1085 -19.49 6.30 29.91
C THR A 1085 -20.10 4.96 30.29
N LEU A 1086 -19.44 3.86 29.94
CA LEU A 1086 -19.93 2.53 30.24
C LEU A 1086 -19.35 2.06 31.56
N LYS A 1087 -20.22 1.60 32.46
CA LYS A 1087 -19.78 1.16 33.77
C LYS A 1087 -20.72 0.09 34.31
N GLY A 1088 -20.24 -0.66 35.28
CA GLY A 1088 -21.03 -1.71 35.90
C GLY A 1088 -21.20 -2.92 35.00
N GLU A 1089 -22.45 -3.26 34.71
CA GLU A 1089 -22.72 -4.40 33.83
C GLU A 1089 -22.45 -4.06 32.38
N ASN A 1090 -22.47 -2.78 32.02
CA ASN A 1090 -22.23 -2.38 30.63
C ASN A 1090 -20.77 -2.60 30.23
N MET A 1091 -19.84 -2.31 31.13
CA MET A 1091 -18.43 -2.55 30.82
C MET A 1091 -18.13 -4.04 30.74
N ASN A 1092 -18.78 -4.84 31.60
CA ASN A 1092 -18.66 -6.29 31.50
C ASN A 1092 -19.20 -6.81 30.17
N ALA A 1093 -20.34 -6.26 29.74
CA ALA A 1093 -20.92 -6.63 28.46
C ALA A 1093 -20.00 -6.27 27.29
N PHE A 1094 -19.37 -5.09 27.36
CA PHE A 1094 -18.41 -4.70 26.33
C PHE A 1094 -17.19 -5.61 26.34
N GLU A 1095 -16.70 -5.96 27.53
CA GLU A 1095 -15.51 -6.80 27.67
C GLU A 1095 -15.78 -8.25 27.31
N SER A 1096 -17.04 -8.68 27.19
CA SER A 1096 -17.35 -10.07 26.92
C SER A 1096 -16.90 -10.55 25.54
N VAL A 1097 -16.63 -9.64 24.59
CA VAL A 1097 -16.32 -10.06 23.23
C VAL A 1097 -14.84 -10.34 23.00
N TYR A 1098 -13.98 -10.04 23.97
CA TYR A 1098 -12.55 -10.33 23.87
C TYR A 1098 -12.28 -11.61 24.64
N PHE A 1099 -12.13 -12.73 23.92
CA PHE A 1099 -11.88 -14.03 24.53
C PHE A 1099 -10.59 -14.18 25.36
N PRO A 1100 -9.38 -13.63 24.96
CA PRO A 1100 -8.14 -14.15 25.57
C PRO A 1100 -7.94 -13.75 27.02
N GLU A 1101 -8.43 -14.60 27.92
CA GLU A 1101 -8.46 -14.37 29.37
C GLU A 1101 -7.12 -13.97 30.01
N ASN A 1102 -6.01 -14.13 29.30
CA ASN A 1102 -4.71 -13.79 29.89
C ASN A 1102 -4.57 -12.29 30.12
N LYS A 1103 -5.10 -11.46 29.22
CA LYS A 1103 -5.04 -10.02 29.42
C LYS A 1103 -5.99 -9.60 30.53
N GLY A 1104 -5.79 -8.39 31.04
CA GLY A 1104 -6.65 -7.81 32.06
C GLY A 1104 -6.99 -6.39 31.71
N SER A 1105 -6.68 -5.48 32.63
CA SER A 1105 -6.90 -4.06 32.41
C SER A 1105 -5.83 -3.51 31.48
N LYS A 1106 -5.89 -2.17 31.29
CA LYS A 1106 -4.85 -1.38 30.63
C LYS A 1106 -4.76 -1.67 29.13
N TYR A 1107 -5.48 -2.70 28.66
CA TYR A 1107 -5.62 -2.94 27.23
C TYR A 1107 -6.54 -1.88 26.62
N LEU A 1108 -6.62 -1.89 25.28
CA LEU A 1108 -7.14 -0.85 24.40
C LEU A 1108 -6.27 0.41 24.37
N GLY A 1109 -5.20 0.44 25.17
CA GLY A 1109 -4.27 1.56 25.09
C GLY A 1109 -3.38 1.51 23.88
N VAL A 1110 -3.25 0.34 23.25
CA VAL A 1110 -2.48 0.24 22.02
C VAL A 1110 -3.17 1.01 20.90
N ARG A 1111 -4.48 1.22 21.00
CA ARG A 1111 -5.17 2.07 20.05
C ARG A 1111 -4.69 3.51 20.13
N ASN A 1112 -4.50 4.02 21.35
CA ASN A 1112 -3.96 5.36 21.51
C ASN A 1112 -2.48 5.42 21.12
N ASP A 1113 -1.75 4.32 21.34
CA ASP A 1113 -0.35 4.31 20.93
C ASP A 1113 -0.20 4.30 19.41
N VAL A 1114 -1.09 3.61 18.70
CA VAL A 1114 -0.97 3.50 17.25
C VAL A 1114 -1.55 4.72 16.56
N ALA A 1115 -2.75 5.14 16.98
CA ALA A 1115 -3.46 6.22 16.27
C ALA A 1115 -2.73 7.55 16.41
N HIS A 1116 -2.07 7.79 17.55
CA HIS A 1116 -1.28 9.00 17.70
C HIS A 1116 0.10 8.89 17.06
N LEU A 1117 0.45 7.72 16.53
CA LEU A 1117 1.74 7.45 15.90
C LEU A 1117 2.90 7.75 16.85
N ASP A 1118 2.91 7.03 17.97
CA ASP A 1118 3.96 7.22 18.96
C ASP A 1118 5.28 6.62 18.53
N LEU A 1119 5.28 5.72 17.56
CA LEU A 1119 6.51 5.12 17.06
C LEU A 1119 7.28 6.05 16.13
N MET A 1120 6.70 7.18 15.75
CA MET A 1120 7.40 8.18 14.97
C MET A 1120 8.15 9.18 15.85
N ARG A 1121 8.13 8.97 17.16
CA ARG A 1121 8.83 9.82 18.10
C ARG A 1121 9.84 9.00 18.91
N LYS A 1122 10.84 9.69 19.45
CA LYS A 1122 11.89 9.02 20.21
C LYS A 1122 11.37 8.43 21.50
N ASN A 1123 10.40 9.11 22.14
CA ASN A 1123 9.90 8.65 23.43
C ASN A 1123 9.00 7.42 23.31
N GLY A 1124 8.48 7.13 22.11
CA GLY A 1124 7.65 5.96 21.93
C GLY A 1124 8.41 4.66 21.81
N TRP A 1125 9.71 4.72 21.58
CA TRP A 1125 10.54 3.52 21.46
C TRP A 1125 11.13 3.13 22.80
N ARG A 1126 10.27 3.02 23.81
CA ARG A 1126 10.67 2.58 25.14
C ARG A 1126 9.64 1.57 25.64
N LEU A 1127 10.07 0.71 26.55
CA LEU A 1127 9.26 -0.41 27.00
C LEU A 1127 8.97 -0.29 28.49
N GLU A 1128 7.92 -0.97 28.92
CA GLU A 1128 7.58 -1.03 30.34
C GLU A 1128 8.62 -1.84 31.10
N ALA A 1129 8.59 -1.74 32.42
CA ALA A 1129 9.51 -2.51 33.26
C ALA A 1129 9.20 -4.00 33.16
N GLY A 1130 10.03 -4.73 32.41
CA GLY A 1130 9.79 -6.13 32.17
C GLY A 1130 9.48 -6.44 30.72
N LYS A 1131 8.54 -7.37 30.53
CA LYS A 1131 7.91 -7.78 29.27
C LYS A 1131 8.82 -8.59 28.35
N THR A 1132 10.14 -8.63 28.65
CA THR A 1132 11.17 -9.47 28.06
C THR A 1132 11.11 -9.64 26.55
N CYS A 1133 10.69 -8.61 25.82
CA CYS A 1133 10.51 -8.72 24.38
C CYS A 1133 11.01 -7.44 23.72
N SER A 1134 10.79 -7.34 22.42
CA SER A 1134 11.13 -6.16 21.65
C SER A 1134 9.91 -5.27 21.47
N VAL A 1135 10.15 -4.03 21.01
CA VAL A 1135 9.08 -3.07 20.83
C VAL A 1135 8.11 -3.54 19.74
N MET A 1136 8.66 -4.04 18.63
CA MET A 1136 7.82 -4.55 17.55
C MET A 1136 7.04 -5.78 17.98
N GLU A 1137 7.67 -6.69 18.73
CA GLU A 1137 6.97 -7.87 19.23
C GLU A 1137 5.88 -7.49 20.23
N ASP A 1138 6.16 -6.51 21.08
CA ASP A 1138 5.17 -6.02 22.03
C ASP A 1138 3.97 -5.42 21.33
N TYR A 1139 4.23 -4.63 20.26
CA TYR A 1139 3.14 -4.05 19.49
C TYR A 1139 2.34 -5.13 18.77
N ILE A 1140 3.01 -6.17 18.26
CA ILE A 1140 2.32 -7.26 17.58
C ILE A 1140 1.40 -7.99 18.55
N ASN A 1141 1.89 -8.30 19.75
CA ASN A 1141 1.08 -9.04 20.71
C ASN A 1141 -0.08 -8.21 21.24
N ARG A 1142 0.14 -6.90 21.48
CA ARG A 1142 -0.96 -6.05 21.91
C ARG A 1142 -1.97 -5.82 20.79
N LEU A 1143 -1.52 -5.79 19.53
CA LEU A 1143 -2.44 -5.71 18.41
C LEU A 1143 -3.29 -6.96 18.31
N ARG A 1144 -2.70 -8.14 18.56
CA ARG A 1144 -3.47 -9.37 18.59
C ARG A 1144 -4.51 -9.34 19.71
N PHE A 1145 -4.13 -8.82 20.88
CA PHE A 1145 -5.09 -8.67 21.98
C PHE A 1145 -6.22 -7.74 21.61
N LEU A 1146 -5.92 -6.61 20.97
CA LEU A 1146 -6.96 -5.65 20.61
C LEU A 1146 -7.88 -6.20 19.53
N LEU A 1147 -7.34 -6.88 18.54
CA LEU A 1147 -8.12 -7.38 17.43
C LEU A 1147 -8.71 -8.77 17.69
N SER A 1148 -8.53 -9.32 18.89
CA SER A 1148 -9.08 -10.63 19.24
C SER A 1148 -10.62 -10.69 19.19
N TYR A 1149 -11.32 -9.59 19.01
CA TYR A 1149 -12.75 -9.65 18.75
C TYR A 1149 -13.06 -10.24 17.37
N ASP A 1150 -12.09 -10.25 16.46
CA ASP A 1150 -12.25 -10.80 15.11
C ASP A 1150 -11.07 -11.71 14.80
N GLN A 1151 -11.36 -12.95 14.42
CA GLN A 1151 -10.29 -13.93 14.19
C GLN A 1151 -9.45 -13.56 12.97
N LYS A 1152 -10.09 -13.08 11.90
CA LYS A 1152 -9.38 -12.82 10.66
C LYS A 1152 -8.40 -11.65 10.80
N ARG A 1153 -8.75 -10.64 11.60
CA ARG A 1153 -7.82 -9.55 11.86
C ARG A 1153 -6.61 -10.03 12.66
N MET A 1154 -6.85 -10.89 13.65
CA MET A 1154 -5.77 -11.39 14.50
C MET A 1154 -4.79 -12.25 13.71
N ASN A 1155 -5.29 -13.03 12.75
CA ASN A 1155 -4.35 -13.77 11.90
C ASN A 1155 -3.70 -12.87 10.85
N ALA A 1156 -4.44 -11.87 10.37
CA ALA A 1156 -3.93 -10.97 9.34
C ALA A 1156 -2.80 -10.09 9.84
N VAL A 1157 -2.66 -9.91 11.16
CA VAL A 1157 -1.52 -9.16 11.70
C VAL A 1157 -0.20 -9.75 11.20
N THR A 1158 0.06 -10.99 11.56
CA THR A 1158 1.30 -11.65 11.16
C THR A 1158 1.33 -11.93 9.66
N LYS A 1159 0.17 -12.26 9.06
CA LYS A 1159 0.14 -12.51 7.62
C LYS A 1159 0.58 -11.27 6.82
N THR A 1160 0.03 -10.10 7.16
CA THR A 1160 0.37 -8.88 6.44
C THR A 1160 1.79 -8.44 6.72
N LEU A 1161 2.31 -8.68 7.93
CA LEU A 1161 3.72 -8.35 8.19
C LEU A 1161 4.65 -9.20 7.30
N GLN A 1162 4.35 -10.50 7.18
CA GLN A 1162 5.15 -11.37 6.32
C GLN A 1162 5.06 -10.95 4.85
N GLN A 1163 3.86 -10.56 4.40
CA GLN A 1163 3.72 -10.12 3.00
C GLN A 1163 4.47 -8.82 2.73
N ILE A 1164 4.42 -7.88 3.68
CA ILE A 1164 5.16 -6.63 3.53
C ILE A 1164 6.65 -6.90 3.44
N PHE A 1165 7.16 -7.80 4.28
CA PHE A 1165 8.59 -8.13 4.22
C PHE A 1165 8.94 -8.84 2.92
N ASP A 1166 8.07 -9.74 2.44
CA ASP A 1166 8.37 -10.49 1.23
C ASP A 1166 8.30 -9.62 -0.02
N ARG A 1167 7.57 -8.50 0.03
CA ARG A 1167 7.56 -7.57 -1.10
C ARG A 1167 8.92 -6.93 -1.36
N HIS A 1168 9.80 -6.91 -0.37
CA HIS A 1168 11.14 -6.38 -0.51
C HIS A 1168 12.18 -7.48 -0.72
N LYS A 1169 11.76 -8.68 -1.10
CA LYS A 1169 12.61 -9.86 -1.30
C LYS A 1169 13.37 -10.23 -0.02
N VAL A 1170 12.68 -10.18 1.10
CA VAL A 1170 13.26 -10.48 2.42
C VAL A 1170 12.29 -11.39 3.17
N LYS A 1171 12.81 -12.44 3.79
CA LYS A 1171 11.99 -13.33 4.59
C LYS A 1171 12.00 -12.92 6.05
N ILE A 1172 11.07 -13.48 6.82
CA ILE A 1172 11.02 -13.28 8.27
C ILE A 1172 10.23 -14.44 8.87
N ARG A 1173 10.72 -14.97 9.98
CA ARG A 1173 10.14 -16.15 10.60
C ARG A 1173 9.75 -15.88 12.04
N PHE A 1174 8.58 -16.37 12.43
CA PHE A 1174 8.08 -16.26 13.79
C PHE A 1174 7.97 -17.64 14.42
N THR A 1175 8.19 -17.69 15.73
CA THR A 1175 7.92 -18.88 16.53
C THR A 1175 7.05 -18.50 17.71
N VAL A 1176 6.08 -19.34 18.03
CA VAL A 1176 5.20 -19.10 19.17
C VAL A 1176 5.84 -19.75 20.39
N GLU A 1177 6.18 -18.95 21.39
CA GLU A 1177 6.81 -19.44 22.60
C GLU A 1177 5.73 -19.78 23.62
N LYS A 1178 6.14 -20.03 24.86
CA LYS A 1178 5.22 -20.46 25.90
C LYS A 1178 4.30 -19.32 26.32
N GLY A 1179 3.03 -19.64 26.51
CA GLY A 1179 2.02 -18.66 26.83
C GLY A 1179 1.28 -18.07 25.64
N GLY A 1180 1.70 -18.40 24.41
CA GLY A 1180 1.05 -17.88 23.24
C GLY A 1180 1.64 -16.61 22.67
N MET A 1181 2.82 -16.20 23.13
CA MET A 1181 3.50 -15.04 22.61
C MET A 1181 4.19 -15.35 21.29
N LEU A 1182 4.14 -14.39 20.37
CA LEU A 1182 4.91 -14.48 19.13
C LEU A 1182 6.29 -13.88 19.36
N LYS A 1183 7.30 -14.47 18.72
CA LYS A 1183 8.65 -13.93 18.76
C LYS A 1183 9.31 -14.09 17.41
N ILE A 1184 10.28 -13.23 17.13
CA ILE A 1184 10.98 -13.24 15.84
C ILE A 1184 12.13 -14.23 15.90
N GLU A 1185 12.12 -15.21 14.99
CA GLU A 1185 13.20 -16.18 14.93
C GLU A 1185 14.39 -15.65 14.14
N ASP A 1186 14.18 -15.41 12.85
CA ASP A 1186 15.24 -14.88 12.02
C ASP A 1186 14.69 -14.08 10.84
N VAL A 1187 15.58 -13.41 10.13
CA VAL A 1187 15.17 -12.61 8.98
C VAL A 1187 15.75 -13.16 7.68
N THR A 1188 17.07 -13.08 7.53
CA THR A 1188 17.81 -13.51 6.33
C THR A 1188 17.29 -12.89 5.03
N ALA A 1189 17.80 -13.36 3.89
CA ALA A 1189 17.41 -12.81 2.60
C ALA A 1189 17.26 -13.95 1.61
N ASP A 1190 16.33 -13.78 0.67
CA ASP A 1190 16.11 -14.80 -0.34
C ASP A 1190 17.21 -14.78 -1.38
N LYS A 1191 17.14 -15.70 -2.33
CA LYS A 1191 18.16 -15.79 -3.36
C LYS A 1191 17.54 -15.79 -4.75
N ILE A 1192 18.18 -15.07 -5.67
CA ILE A 1192 17.81 -15.11 -7.07
C ILE A 1192 18.67 -16.14 -7.78
N VAL A 1193 18.03 -17.03 -8.52
CA VAL A 1193 18.72 -18.15 -9.16
C VAL A 1193 19.10 -17.74 -10.57
N HIS A 1194 20.40 -17.74 -10.84
CA HIS A 1194 20.94 -17.43 -12.17
C HIS A 1194 20.96 -18.70 -13.00
N LEU A 1195 21.75 -18.69 -14.08
CA LEU A 1195 21.62 -19.50 -15.30
C LEU A 1195 21.13 -20.93 -15.02
N LYS A 1196 19.98 -21.27 -15.59
CA LYS A 1196 19.31 -22.54 -15.31
C LYS A 1196 19.37 -23.44 -16.53
N GLY A 1197 19.54 -24.73 -16.28
CA GLY A 1197 19.74 -25.67 -17.38
C GLY A 1197 21.04 -25.46 -18.11
N SER A 1198 22.12 -25.21 -17.36
CA SER A 1198 23.41 -24.84 -17.94
C SER A 1198 24.46 -25.91 -17.74
N ARG A 1199 24.05 -27.17 -17.51
CA ARG A 1199 24.93 -28.28 -17.18
C ARG A 1199 25.77 -27.96 -15.93
N LEU A 1200 25.15 -27.25 -15.00
CA LEU A 1200 25.78 -26.87 -13.74
C LEU A 1200 24.63 -26.60 -12.76
N SER A 1201 24.93 -26.66 -11.47
CA SER A 1201 23.91 -26.62 -10.43
C SER A 1201 23.17 -25.29 -10.36
N GLY A 1202 23.68 -24.24 -11.00
CA GLY A 1202 22.99 -22.97 -11.02
C GLY A 1202 23.58 -21.98 -10.04
N ILE A 1203 23.90 -20.78 -10.52
CA ILE A 1203 24.51 -19.77 -9.67
C ILE A 1203 23.45 -19.15 -8.77
N GLU A 1204 23.76 -19.06 -7.48
CA GLU A 1204 22.84 -18.53 -6.49
C GLU A 1204 23.41 -17.24 -5.92
N ILE A 1205 22.64 -16.16 -6.00
CA ILE A 1205 23.06 -14.86 -5.50
C ILE A 1205 22.02 -14.35 -4.51
N PRO A 1206 22.42 -13.93 -3.31
CA PRO A 1206 21.43 -13.32 -2.39
C PRO A 1206 20.93 -11.99 -2.92
N SER A 1207 19.65 -11.72 -2.70
CA SER A 1207 19.03 -10.52 -3.24
C SER A 1207 19.43 -9.26 -2.49
N HIS A 1208 19.90 -9.38 -1.26
CA HIS A 1208 20.29 -8.23 -0.46
C HIS A 1208 21.59 -8.54 0.26
N GLY A 1209 22.31 -7.49 0.61
CA GLY A 1209 23.59 -7.65 1.28
C GLY A 1209 23.45 -7.98 2.75
N GLU A 1210 24.59 -8.23 3.39
CA GLU A 1210 24.60 -8.54 4.81
C GLU A 1210 24.38 -7.32 5.68
N ARG A 1211 24.83 -6.14 5.23
CA ARG A 1211 24.63 -4.92 6.00
C ARG A 1211 23.15 -4.56 6.09
N PHE A 1212 22.43 -4.68 4.97
CA PHE A 1212 21.00 -4.41 4.95
C PHE A 1212 20.24 -5.36 5.86
N ILE A 1213 20.58 -6.66 5.79
CA ILE A 1213 19.88 -7.66 6.59
C ILE A 1213 20.17 -7.46 8.07
N ASP A 1214 21.42 -7.14 8.41
CA ASP A 1214 21.77 -6.90 9.81
C ASP A 1214 21.08 -5.66 10.36
N THR A 1215 20.97 -4.61 9.55
CA THR A 1215 20.28 -3.40 10.01
C THR A 1215 18.77 -3.63 10.18
N LEU A 1216 18.17 -4.38 9.27
CA LEU A 1216 16.75 -4.70 9.41
C LEU A 1216 16.49 -5.58 10.62
N LYS A 1217 17.38 -6.54 10.87
CA LYS A 1217 17.26 -7.39 12.07
C LYS A 1217 17.45 -6.57 13.34
N ALA A 1218 18.37 -5.61 13.32
CA ALA A 1218 18.56 -4.73 14.47
C ALA A 1218 17.35 -3.86 14.72
N LEU A 1219 16.66 -3.44 13.66
CA LEU A 1219 15.43 -2.67 13.84
C LEU A 1219 14.29 -3.54 14.39
N MET A 1220 14.18 -4.78 13.92
CA MET A 1220 13.06 -5.63 14.32
C MET A 1220 13.13 -6.01 15.80
N VAL A 1221 14.34 -6.30 16.30
CA VAL A 1221 14.52 -6.56 17.73
C VAL A 1221 15.41 -5.48 18.37
N TYR A 1222 14.79 -4.44 18.92
CA TYR A 1222 15.62 -3.36 19.44
C TYR A 1222 16.19 -3.73 20.82
N PRO A 1223 15.40 -3.95 21.92
CA PRO A 1223 16.05 -4.31 23.18
C PRO A 1223 16.63 -5.72 23.15
N ARG A 1224 15.77 -6.69 22.83
CA ARG A 1224 16.10 -8.11 22.74
C ARG A 1224 14.89 -8.83 22.17
N GLY A 1225 15.10 -10.09 21.79
CA GLY A 1225 14.01 -10.91 21.29
C GLY A 1225 14.31 -11.60 19.97
#